data_2HWJ
#
_entry.id   2HWJ
#
_cell.length_a   132.079
_cell.length_b   173.749
_cell.length_c   142.077
_cell.angle_alpha   90.00
_cell.angle_beta   90.00
_cell.angle_gamma   90.00
#
_symmetry.space_group_name_H-M   'C 2 2 21'
#
loop_
_entity.id
_entity.type
_entity.pdbx_description
1 polymer 'Hypothetical protein Atu1540'
2 water water
#
_entity_poly.entity_id   1
_entity_poly.type   'polypeptide(L)'
_entity_poly.pdbx_seq_one_letter_code
;(MSE)THIYEPRLSRIAIDKLRPTQIAVGFREVELKRKEWRETRKKDGDDFLGNHIVPVVAGPKDRAYLIDHHHLVLALS
KEGVEHVLTSEVAKFSHLGKDEFWSV(MSE)DHRNLIYPFDAQGLRRQSGDIPKNIHDLEDDPFRSLAGALR(MSE)AGG
YAKVIIPFSEFGWADFLRRRIDRDLLSDSFDDALAEA(MSE)KLAKSREARHLPGWCGVEE
;
_entity_poly.pdbx_strand_id   A,B,C,D,E,F
#
# COMPACT_ATOMS: atom_id res chain seq x y z
N ILE A 4 18.30 31.45 -13.64
CA ILE A 4 18.02 30.12 -14.29
C ILE A 4 17.03 29.20 -13.49
N TYR A 5 16.16 29.85 -12.71
CA TYR A 5 14.73 29.54 -12.32
C TYR A 5 14.05 28.21 -12.18
N GLU A 6 14.79 27.08 -12.25
CA GLU A 6 14.49 25.77 -11.60
C GLU A 6 14.47 24.40 -12.32
N PRO A 7 13.55 23.47 -11.96
CA PRO A 7 14.01 22.13 -12.10
C PRO A 7 14.23 21.80 -13.57
N ARG A 8 15.03 20.76 -13.82
CA ARG A 8 15.50 20.51 -15.17
C ARG A 8 15.32 19.05 -15.39
N LEU A 9 15.23 18.66 -16.66
CA LEU A 9 15.13 17.25 -16.99
C LEU A 9 16.50 16.60 -16.94
N SER A 10 16.57 15.41 -16.34
CA SER A 10 17.71 14.56 -16.59
C SER A 10 17.27 13.16 -16.69
N ARG A 11 18.23 12.26 -16.49
CA ARG A 11 18.23 10.93 -17.08
C ARG A 11 19.21 10.06 -16.34
N ILE A 12 18.76 8.96 -15.79
CA ILE A 12 19.62 8.09 -15.03
C ILE A 12 19.27 6.65 -15.29
N ALA A 13 20.28 5.81 -15.05
CA ALA A 13 20.15 4.38 -15.14
C ALA A 13 19.48 3.99 -13.87
N ILE A 14 18.38 3.27 -14.03
CA ILE A 14 17.69 2.76 -12.87
C ILE A 14 18.60 1.94 -11.95
N ASP A 15 19.57 1.24 -12.51
CA ASP A 15 20.41 0.50 -11.59
C ASP A 15 21.28 1.48 -10.74
N LYS A 16 21.14 2.78 -10.92
CA LYS A 16 22.02 3.70 -10.24
C LYS A 16 21.25 4.54 -9.22
N LEU A 17 19.91 4.52 -9.22
CA LEU A 17 19.12 5.23 -8.24
C LEU A 17 19.19 4.65 -6.91
N ARG A 18 19.32 5.51 -5.93
CA ARG A 18 19.38 5.04 -4.62
C ARG A 18 18.00 5.16 -3.97
N PRO A 19 17.38 4.06 -3.57
CA PRO A 19 16.09 4.01 -2.91
C PRO A 19 16.01 4.90 -1.66
N THR A 20 14.79 5.23 -1.16
CA THR A 20 14.76 5.88 0.11
C THR A 20 13.79 5.22 1.03
N GLN A 21 13.45 3.98 0.74
CA GLN A 21 12.56 3.13 1.60
C GLN A 21 12.94 1.67 1.42
N ILE A 22 12.55 0.85 2.37
CA ILE A 22 12.98 -0.52 2.45
C ILE A 22 12.01 -1.42 1.71
N ALA A 23 10.73 -1.03 1.65
CA ALA A 23 9.70 -1.98 1.16
C ALA A 23 8.71 -1.38 0.21
N VAL A 24 8.09 -2.22 -0.60
CA VAL A 24 6.95 -1.86 -1.46
C VAL A 24 6.07 -3.10 -1.52
N GLY A 25 4.89 -2.95 -2.12
CA GLY A 25 3.92 -4.03 -2.20
C GLY A 25 4.12 -4.61 -3.58
N PHE A 26 4.60 -5.84 -3.64
CA PHE A 26 4.96 -6.43 -4.88
C PHE A 26 3.73 -6.61 -5.68
N ARG A 27 2.57 -6.80 -5.04
CA ARG A 27 1.35 -6.93 -5.84
C ARG A 27 1.13 -5.68 -6.71
N GLU A 28 1.38 -4.48 -6.12
CA GLU A 28 1.19 -3.21 -6.80
C GLU A 28 2.25 -3.19 -7.94
N VAL A 29 3.52 -3.49 -7.58
CA VAL A 29 4.58 -3.65 -8.59
C VAL A 29 4.06 -4.48 -9.79
N GLU A 30 3.68 -5.75 -9.57
CA GLU A 30 3.15 -6.63 -10.64
C GLU A 30 2.00 -6.03 -11.49
N LEU A 31 1.02 -5.40 -10.83
CA LEU A 31 0.00 -4.64 -11.59
C LEU A 31 0.65 -3.60 -12.51
N LYS A 32 1.48 -2.69 -11.96
CA LYS A 32 2.24 -1.78 -12.82
C LYS A 32 2.94 -2.54 -13.95
N ARG A 33 3.66 -3.62 -13.68
CA ARG A 33 4.32 -4.32 -14.75
C ARG A 33 3.33 -4.82 -15.84
N LYS A 34 2.10 -5.22 -15.47
CA LYS A 34 1.15 -5.63 -16.51
C LYS A 34 0.83 -4.45 -17.37
N GLU A 35 0.43 -3.34 -16.74
CA GLU A 35 -0.07 -2.17 -17.47
C GLU A 35 0.97 -1.86 -18.55
N TRP A 36 2.22 -1.74 -18.09
CA TRP A 36 3.33 -1.42 -18.94
C TRP A 36 3.59 -2.48 -19.98
N ARG A 37 3.57 -3.75 -19.60
CA ARG A 37 3.90 -4.84 -20.52
C ARG A 37 2.90 -4.69 -21.66
N GLU A 38 1.76 -4.08 -21.33
CA GLU A 38 0.64 -3.95 -22.25
C GLU A 38 0.36 -2.52 -22.70
N THR A 39 1.41 -1.70 -22.87
CA THR A 39 1.34 -0.47 -23.69
C THR A 39 2.41 -0.49 -24.84
N ARG A 40 2.03 -0.02 -26.03
CA ARG A 40 2.70 -0.33 -27.33
C ARG A 40 4.24 -0.31 -27.34
N ASP A 46 10.82 9.46 -29.40
CA ASP A 46 11.47 10.46 -28.53
C ASP A 46 11.26 10.12 -27.07
N PHE A 47 11.39 11.14 -26.21
CA PHE A 47 11.22 11.05 -24.74
C PHE A 47 9.83 11.40 -24.22
N LEU A 48 9.09 12.22 -24.97
CA LEU A 48 7.68 12.54 -24.69
C LEU A 48 6.92 11.27 -24.94
N GLY A 49 6.20 10.67 -23.99
CA GLY A 49 5.93 11.08 -22.64
C GLY A 49 6.12 9.84 -21.76
N ASN A 50 7.38 9.60 -21.42
CA ASN A 50 7.72 8.68 -20.40
C ASN A 50 7.61 9.32 -19.06
N HIS A 51 7.76 8.46 -18.07
CA HIS A 51 7.64 8.83 -16.69
C HIS A 51 8.87 9.58 -16.33
N ILE A 52 8.64 10.53 -15.43
CA ILE A 52 9.66 11.34 -14.82
C ILE A 52 9.49 11.05 -13.38
N VAL A 53 10.57 11.01 -12.67
CA VAL A 53 10.53 10.61 -11.32
C VAL A 53 11.33 11.64 -10.57
N PRO A 54 10.82 12.12 -9.42
CA PRO A 54 11.56 13.19 -8.71
C PRO A 54 12.71 12.62 -7.92
N VAL A 55 13.73 13.39 -7.67
CA VAL A 55 14.98 12.85 -7.15
C VAL A 55 15.73 13.95 -6.37
N VAL A 56 16.69 13.61 -5.54
CA VAL A 56 17.38 14.60 -4.72
C VAL A 56 18.83 14.33 -4.96
N ALA A 57 19.68 15.30 -5.02
CA ALA A 57 21.07 14.96 -5.27
C ALA A 57 21.70 14.75 -3.90
N GLY A 58 22.33 13.59 -3.69
CA GLY A 58 23.00 13.29 -2.44
C GLY A 58 24.46 13.35 -2.60
N PRO A 59 25.16 12.83 -1.62
CA PRO A 59 26.60 12.82 -1.48
C PRO A 59 27.24 12.09 -2.63
N LYS A 60 28.50 12.44 -2.96
CA LYS A 60 29.16 11.91 -4.17
C LYS A 60 28.24 12.26 -5.25
N ASP A 61 28.16 11.53 -6.33
CA ASP A 61 27.14 12.20 -7.15
C ASP A 61 25.68 11.68 -7.14
N ARG A 62 25.36 10.95 -6.10
CA ARG A 62 24.35 10.00 -6.22
C ARG A 62 22.97 10.68 -6.23
N ALA A 63 22.06 10.12 -7.01
CA ALA A 63 20.67 10.54 -7.02
C ALA A 63 19.79 9.63 -6.15
N TYR A 64 19.01 10.22 -5.23
CA TYR A 64 18.06 9.44 -4.38
C TYR A 64 16.64 9.58 -4.82
N LEU A 65 15.97 8.48 -5.07
CA LEU A 65 14.58 8.43 -5.61
C LEU A 65 13.67 8.83 -4.48
N ILE A 66 12.72 9.71 -4.75
CA ILE A 66 11.90 10.30 -3.66
C ILE A 66 10.46 9.81 -3.70
N ASP A 67 10.02 9.36 -4.85
CA ASP A 67 8.68 8.85 -4.87
C ASP A 67 8.63 7.76 -5.89
N HIS A 68 7.50 7.08 -6.00
CA HIS A 68 7.37 6.17 -7.13
C HIS A 68 8.29 4.99 -7.10
N HIS A 69 8.62 4.49 -5.94
CA HIS A 69 9.33 3.16 -5.92
C HIS A 69 8.61 1.99 -6.65
N HIS A 70 7.28 1.94 -6.57
CA HIS A 70 6.59 0.80 -7.11
C HIS A 70 6.88 0.84 -8.59
N LEU A 71 6.77 2.01 -9.15
CA LEU A 71 6.84 2.18 -10.58
C LEU A 71 8.24 1.91 -10.98
N VAL A 72 9.19 2.45 -10.23
CA VAL A 72 10.56 2.17 -10.63
C VAL A 72 10.98 0.68 -10.54
N LEU A 73 10.57 -0.04 -9.50
CA LEU A 73 10.84 -1.47 -9.51
C LEU A 73 10.11 -2.14 -10.68
N ALA A 74 8.88 -1.70 -10.96
CA ALA A 74 8.13 -2.32 -12.04
C ALA A 74 8.98 -2.22 -13.31
N LEU A 75 9.52 -1.01 -13.55
CA LEU A 75 10.18 -0.75 -14.83
C LEU A 75 11.49 -1.54 -14.84
N SER A 76 12.12 -1.59 -13.69
CA SER A 76 13.35 -2.32 -13.59
C SER A 76 13.16 -3.80 -13.89
N LYS A 77 12.18 -4.41 -13.22
CA LYS A 77 11.79 -5.76 -13.56
C LYS A 77 11.37 -5.94 -15.05
N GLU A 78 10.89 -4.88 -15.72
CA GLU A 78 10.54 -5.07 -17.15
C GLU A 78 11.72 -4.95 -18.08
N GLY A 79 12.92 -4.80 -17.51
CA GLY A 79 14.13 -4.62 -18.33
C GLY A 79 14.37 -3.17 -18.80
N VAL A 80 13.68 -2.18 -18.24
CA VAL A 80 13.86 -0.86 -18.70
C VAL A 80 15.12 -0.35 -18.02
N GLU A 81 16.06 0.23 -18.76
CA GLU A 81 17.36 0.71 -18.21
C GLU A 81 17.39 2.09 -17.60
N HIS A 82 16.75 3.04 -18.26
CA HIS A 82 16.81 4.40 -17.84
C HIS A 82 15.43 5.00 -17.46
N VAL A 83 15.41 6.06 -16.64
CA VAL A 83 14.18 6.75 -16.40
C VAL A 83 14.47 8.28 -16.35
N LEU A 84 13.58 9.13 -16.87
CA LEU A 84 13.73 10.58 -16.72
C LEU A 84 13.51 10.97 -15.29
N THR A 85 14.19 12.01 -14.86
CA THR A 85 14.19 12.41 -13.47
C THR A 85 14.22 13.94 -13.47
N SER A 86 13.88 14.54 -12.32
CA SER A 86 13.95 15.95 -12.15
C SER A 86 14.47 16.11 -10.74
N GLU A 87 15.62 16.76 -10.64
CA GLU A 87 16.22 17.03 -9.38
C GLU A 87 15.38 18.12 -8.75
N VAL A 88 14.83 17.85 -7.57
CA VAL A 88 14.06 18.81 -6.80
C VAL A 88 14.74 19.32 -5.53
N ALA A 89 15.99 18.93 -5.30
CA ALA A 89 16.72 19.45 -4.17
C ALA A 89 18.11 18.92 -4.25
N LYS A 90 19.01 19.68 -3.65
CA LYS A 90 20.44 19.46 -3.83
C LYS A 90 21.07 19.45 -2.47
N PHE A 91 21.45 18.27 -2.01
CA PHE A 91 22.16 18.15 -0.75
C PHE A 91 23.57 17.58 -0.91
N SER A 92 24.09 17.62 -2.11
CA SER A 92 25.37 17.04 -2.36
C SER A 92 26.45 17.82 -1.69
N HIS A 93 26.24 18.92 -1.04
CA HIS A 93 27.38 19.41 -0.19
C HIS A 93 27.48 18.62 1.14
N LEU A 94 26.50 17.84 1.51
CA LEU A 94 26.60 17.15 2.80
C LEU A 94 27.41 15.83 2.79
N GLY A 95 28.08 15.52 3.90
CA GLY A 95 28.51 14.16 4.15
C GLY A 95 27.29 13.22 4.38
N LYS A 96 27.58 11.95 4.59
CA LYS A 96 26.55 10.93 4.44
C LYS A 96 25.66 10.86 5.67
N ASP A 97 26.33 11.05 6.79
CA ASP A 97 25.74 11.10 8.05
C ASP A 97 24.70 12.21 8.02
N GLU A 98 25.20 13.40 7.69
CA GLU A 98 24.38 14.56 7.80
C GLU A 98 23.24 14.43 6.78
N PHE A 99 23.57 13.97 5.59
CA PHE A 99 22.61 13.78 4.62
C PHE A 99 21.43 12.97 5.13
N TRP A 100 21.65 11.80 5.68
CA TRP A 100 20.49 10.99 6.03
C TRP A 100 19.63 11.65 7.06
N SER A 101 20.28 12.23 8.06
CA SER A 101 19.62 13.08 9.03
C SER A 101 18.75 14.17 8.39
N VAL A 102 19.30 14.91 7.44
CA VAL A 102 18.53 15.97 6.86
C VAL A 102 17.33 15.37 6.10
N MSE A 103 17.58 14.29 5.35
CA MSE A 103 16.51 13.58 4.65
C MSE A 103 15.40 13.09 5.65
O MSE A 103 14.16 13.31 5.46
CB MSE A 103 17.05 12.36 3.93
CG MSE A 103 18.06 12.66 2.87
SE MSE A 103 17.18 13.40 1.28
CE MSE A 103 16.74 11.62 0.53
N ASP A 104 15.88 12.46 6.70
CA ASP A 104 14.98 11.94 7.70
C ASP A 104 14.17 13.09 8.23
N HIS A 105 14.83 14.22 8.44
CA HIS A 105 14.25 15.36 9.09
C HIS A 105 13.23 16.00 8.18
N ARG A 106 13.46 15.87 6.90
CA ARG A 106 12.58 16.47 5.97
C ARG A 106 11.61 15.45 5.43
N ASN A 107 11.55 14.27 6.07
CA ASN A 107 10.57 13.24 5.75
C ASN A 107 10.64 12.71 4.33
N LEU A 108 11.86 12.45 3.86
CA LEU A 108 12.10 11.99 2.53
C LEU A 108 12.57 10.57 2.59
N ILE A 109 12.63 9.98 3.80
CA ILE A 109 12.98 8.55 3.84
C ILE A 109 11.99 7.78 4.61
N TYR A 110 11.96 6.47 4.49
CA TYR A 110 10.96 5.73 5.20
C TYR A 110 11.59 4.42 5.56
N PRO A 111 12.43 4.43 6.58
CA PRO A 111 13.24 3.25 6.91
C PRO A 111 12.42 2.23 7.67
N PHE A 112 11.40 1.64 7.04
CA PHE A 112 10.61 0.61 7.69
C PHE A 112 10.58 -0.65 6.85
N ASP A 113 10.81 -1.80 7.49
CA ASP A 113 10.91 -3.05 6.75
C ASP A 113 9.53 -3.63 6.45
N ALA A 114 9.54 -4.73 5.69
CA ALA A 114 8.34 -5.38 5.23
C ALA A 114 7.38 -5.77 6.37
N GLN A 115 7.86 -5.91 7.61
CA GLN A 115 6.89 -6.15 8.68
C GLN A 115 6.72 -4.94 9.53
N GLY A 116 6.93 -3.79 8.90
CA GLY A 116 6.76 -2.48 9.53
C GLY A 116 7.64 -2.05 10.67
N LEU A 117 8.80 -2.66 10.85
CA LEU A 117 9.75 -2.21 11.87
C LEU A 117 10.59 -1.00 11.45
N ARG A 118 10.66 0.04 12.29
CA ARG A 118 11.70 1.06 12.14
C ARG A 118 13.05 0.35 12.03
N ARG A 119 13.83 0.71 11.06
CA ARG A 119 15.14 0.18 10.90
C ARG A 119 16.10 1.35 10.66
N GLN A 120 17.39 1.15 10.83
CA GLN A 120 18.26 2.29 10.58
C GLN A 120 18.54 2.64 9.14
N SER A 121 19.09 3.84 8.96
CA SER A 121 19.32 4.42 7.66
C SER A 121 20.20 3.50 6.82
N GLY A 122 21.27 3.03 7.42
CA GLY A 122 22.10 2.08 6.78
C GLY A 122 21.35 0.87 6.24
N ASP A 123 20.23 0.51 6.86
CA ASP A 123 19.46 -0.65 6.39
C ASP A 123 18.69 -0.30 5.12
N ILE A 124 18.64 0.99 4.70
CA ILE A 124 17.98 1.31 3.41
C ILE A 124 18.77 0.71 2.26
N PRO A 125 18.15 -0.15 1.40
CA PRO A 125 18.83 -0.78 0.27
C PRO A 125 19.46 0.24 -0.64
N LYS A 126 20.61 -0.09 -1.19
CA LYS A 126 21.29 0.71 -2.18
C LYS A 126 20.80 0.53 -3.59
N ASN A 127 20.35 -0.64 -3.98
CA ASN A 127 19.69 -0.78 -5.27
C ASN A 127 18.20 -1.08 -5.12
N ILE A 128 17.42 -0.51 -6.04
CA ILE A 128 16.02 -0.83 -6.27
C ILE A 128 15.75 -2.34 -6.27
N HIS A 129 16.49 -3.12 -7.05
CA HIS A 129 16.23 -4.57 -7.07
C HIS A 129 16.23 -5.26 -5.64
N ASP A 130 16.69 -4.56 -4.59
CA ASP A 130 16.62 -5.00 -3.17
C ASP A 130 15.39 -4.55 -2.34
N LEU A 131 14.45 -3.80 -2.86
CA LEU A 131 13.25 -3.59 -2.11
C LEU A 131 12.62 -4.91 -1.62
N GLU A 132 12.15 -4.90 -0.38
CA GLU A 132 11.40 -5.97 0.30
C GLU A 132 9.91 -5.86 -0.01
N ASP A 133 9.18 -6.96 0.13
CA ASP A 133 7.78 -6.95 -0.25
C ASP A 133 7.01 -6.70 0.97
N ASP A 134 6.32 -5.54 1.06
CA ASP A 134 5.37 -5.39 2.15
C ASP A 134 3.89 -5.68 1.72
N PRO A 135 3.40 -6.89 2.04
CA PRO A 135 2.07 -7.22 1.50
C PRO A 135 1.00 -6.33 2.08
N PHE A 136 1.17 -5.79 3.28
CA PHE A 136 0.15 -4.80 3.71
C PHE A 136 0.24 -3.51 2.95
N ARG A 137 1.44 -3.20 2.45
CA ARG A 137 1.49 -2.05 1.61
C ARG A 137 0.56 -2.26 0.38
N SER A 138 0.49 -3.49 -0.16
CA SER A 138 -0.34 -3.72 -1.37
C SER A 138 -1.78 -3.67 -1.02
N LEU A 139 -2.09 -4.24 0.13
CA LEU A 139 -3.46 -4.21 0.61
C LEU A 139 -3.90 -2.76 0.80
N ALA A 140 -3.12 -1.94 1.53
CA ALA A 140 -3.42 -0.55 1.71
C ALA A 140 -3.57 0.16 0.33
N GLY A 141 -2.75 -0.15 -0.65
CA GLY A 141 -2.92 0.48 -2.00
C GLY A 141 -4.29 0.13 -2.55
N ALA A 142 -4.66 -1.14 -2.45
CA ALA A 142 -5.78 -1.65 -3.21
C ALA A 142 -6.98 -1.08 -2.55
N LEU A 143 -6.88 -0.91 -1.22
CA LEU A 143 -7.95 -0.36 -0.40
C LEU A 143 -8.30 1.00 -0.89
N ARG A 144 -7.27 1.79 -1.19
CA ARG A 144 -7.53 3.13 -1.57
C ARG A 144 -8.16 3.12 -2.93
N MSE A 145 -7.65 2.22 -3.77
CA MSE A 145 -8.02 2.17 -5.13
C MSE A 145 -9.46 1.79 -5.14
O MSE A 145 -10.18 2.02 -6.13
CB MSE A 145 -7.22 1.08 -5.74
CG MSE A 145 -6.87 1.30 -7.12
SE MSE A 145 -4.92 0.99 -7.28
CE MSE A 145 -4.63 2.56 -8.61
N ALA A 146 -9.91 1.20 -4.03
CA ALA A 146 -11.29 0.71 -3.98
C ALA A 146 -12.24 1.78 -3.46
N GLY A 147 -11.72 2.74 -2.73
CA GLY A 147 -12.56 3.84 -2.32
C GLY A 147 -12.62 3.80 -0.83
N GLY A 148 -11.73 3.08 -0.19
CA GLY A 148 -11.72 3.07 1.23
C GLY A 148 -11.18 4.30 1.95
N TYR A 149 -10.27 5.08 1.34
CA TYR A 149 -9.87 6.39 1.94
C TYR A 149 -9.45 7.32 0.83
N ALA A 150 -9.18 8.58 1.15
CA ALA A 150 -8.77 9.51 0.12
C ALA A 150 -7.29 9.76 0.10
N LYS A 151 -6.72 10.01 -1.09
CA LYS A 151 -5.37 10.60 -1.20
C LYS A 151 -5.35 11.88 -0.38
N VAL A 152 -4.24 12.18 0.25
CA VAL A 152 -4.12 13.28 1.12
C VAL A 152 -2.66 13.71 0.88
N ILE A 153 -2.28 14.91 1.31
CA ILE A 153 -0.91 15.41 1.11
C ILE A 153 0.19 14.93 2.10
N ILE A 154 -0.20 14.56 3.31
CA ILE A 154 0.62 13.72 4.20
C ILE A 154 1.54 12.67 3.50
N PRO A 155 2.84 12.68 3.82
CA PRO A 155 3.75 11.68 3.22
C PRO A 155 3.44 10.26 3.72
N PHE A 156 3.52 9.25 2.84
CA PHE A 156 3.42 7.88 3.32
C PHE A 156 2.06 7.57 3.95
N SER A 157 1.00 8.20 3.43
CA SER A 157 -0.40 7.94 3.81
C SER A 157 -0.65 6.47 3.85
N GLU A 158 -0.31 5.79 2.77
CA GLU A 158 -0.51 4.38 2.61
C GLU A 158 0.18 3.56 3.66
N PHE A 159 1.38 3.91 3.99
CA PHE A 159 2.06 3.14 4.97
C PHE A 159 1.37 3.21 6.35
N GLY A 160 0.64 4.30 6.61
CA GLY A 160 -0.20 4.45 7.80
C GLY A 160 -1.37 3.49 7.83
N TRP A 161 -2.01 3.37 6.68
CA TRP A 161 -3.07 2.39 6.50
C TRP A 161 -2.55 0.96 6.56
N ALA A 162 -1.39 0.72 5.94
CA ALA A 162 -0.81 -0.59 6.02
C ALA A 162 -0.46 -0.98 7.47
N ASP A 163 0.06 -0.06 8.26
CA ASP A 163 0.31 -0.42 9.61
C ASP A 163 -1.03 -0.72 10.38
N PHE A 164 -2.07 0.08 10.17
CA PHE A 164 -3.36 -0.20 10.78
C PHE A 164 -3.81 -1.63 10.41
N LEU A 165 -3.82 -1.97 9.12
CA LEU A 165 -4.35 -3.23 8.73
C LEU A 165 -3.45 -4.32 9.30
N ARG A 166 -2.17 -4.05 9.56
CA ARG A 166 -1.30 -5.20 9.70
C ARG A 166 -1.49 -5.68 11.06
N ARG A 167 -2.02 -4.79 11.90
CA ARG A 167 -2.25 -5.19 13.29
C ARG A 167 -3.62 -5.85 13.50
N ARG A 168 -4.36 -6.03 12.41
CA ARG A 168 -5.78 -6.36 12.47
C ARG A 168 -6.21 -7.39 11.46
N ILE A 169 -5.45 -7.60 10.40
CA ILE A 169 -5.84 -8.63 9.49
C ILE A 169 -4.71 -9.67 9.50
N ASP A 170 -5.13 -10.92 9.61
CA ASP A 170 -4.25 -12.09 9.65
C ASP A 170 -3.42 -12.18 8.33
N ARG A 171 -2.08 -12.35 8.37
CA ARG A 171 -1.32 -12.47 7.07
C ARG A 171 -1.78 -13.67 6.19
N ASP A 172 -2.14 -14.74 6.87
CA ASP A 172 -2.70 -15.89 6.26
C ASP A 172 -4.00 -15.60 5.47
N LEU A 173 -4.75 -14.56 5.84
CA LEU A 173 -5.95 -14.25 5.08
C LEU A 173 -5.50 -13.63 3.81
N LEU A 174 -4.41 -12.90 3.93
CA LEU A 174 -3.89 -12.03 2.88
C LEU A 174 -3.25 -12.85 1.79
N SER A 175 -2.67 -13.99 2.13
CA SER A 175 -2.09 -14.74 1.05
C SER A 175 -3.07 -15.76 0.55
N ASP A 176 -3.96 -16.21 1.44
CA ASP A 176 -4.98 -17.17 1.12
C ASP A 176 -5.89 -16.49 0.10
N SER A 177 -6.45 -15.35 0.48
CA SER A 177 -7.40 -14.65 -0.34
C SER A 177 -7.30 -13.15 -0.18
N PHE A 178 -6.63 -12.56 -1.15
CA PHE A 178 -6.46 -11.14 -1.21
C PHE A 178 -7.80 -10.39 -1.11
N ASP A 179 -8.79 -10.85 -1.89
CA ASP A 179 -10.03 -10.10 -2.01
C ASP A 179 -10.81 -10.18 -0.74
N ASP A 180 -10.74 -11.31 -0.04
CA ASP A 180 -11.31 -11.38 1.30
C ASP A 180 -10.50 -10.54 2.29
N ALA A 181 -9.20 -10.40 2.10
CA ALA A 181 -8.48 -9.49 2.98
C ALA A 181 -8.89 -8.05 2.67
N LEU A 182 -9.24 -7.78 1.41
CA LEU A 182 -9.55 -6.46 0.97
C LEU A 182 -10.90 -6.15 1.56
N ALA A 183 -11.78 -7.15 1.50
CA ALA A 183 -13.16 -7.00 1.98
C ALA A 183 -13.17 -6.67 3.46
N GLU A 184 -12.28 -7.31 4.20
CA GLU A 184 -12.11 -6.98 5.60
C GLU A 184 -11.63 -5.56 5.81
N ALA A 185 -10.61 -5.17 5.06
CA ALA A 185 -10.03 -3.88 5.17
C ALA A 185 -11.06 -2.80 4.92
N MSE A 186 -11.88 -3.09 3.92
CA MSE A 186 -12.96 -2.21 3.55
C MSE A 186 -14.00 -2.08 4.71
O MSE A 186 -14.47 -0.97 5.01
CB MSE A 186 -13.55 -2.72 2.25
CG MSE A 186 -14.62 -1.90 1.69
SE MSE A 186 -14.06 -0.05 1.40
CE MSE A 186 -15.74 0.59 0.51
N LYS A 187 -14.33 -3.19 5.37
CA LYS A 187 -15.17 -3.10 6.58
C LYS A 187 -14.41 -2.28 7.66
N LEU A 188 -13.07 -2.32 7.70
CA LEU A 188 -12.45 -1.68 8.80
C LEU A 188 -12.32 -0.16 8.53
N ALA A 189 -11.86 0.15 7.31
CA ALA A 189 -11.71 1.53 6.84
C ALA A 189 -12.94 2.41 7.27
N LYS A 190 -14.13 1.89 6.99
CA LYS A 190 -15.37 2.52 7.35
C LYS A 190 -15.68 2.52 8.84
N SER A 191 -14.92 1.86 9.68
CA SER A 191 -15.35 1.78 11.05
C SER A 191 -14.79 3.00 11.73
N ARG A 192 -15.43 3.36 12.83
CA ARG A 192 -14.94 4.39 13.69
C ARG A 192 -13.50 4.13 14.15
N GLU A 193 -13.04 2.87 14.18
CA GLU A 193 -11.69 2.56 14.60
C GLU A 193 -10.55 3.18 13.74
N ALA A 194 -10.80 3.33 12.45
CA ALA A 194 -9.87 3.94 11.55
C ALA A 194 -10.01 5.45 11.53
N ARG A 195 -10.81 6.04 12.43
CA ARG A 195 -11.07 7.49 12.34
C ARG A 195 -9.84 8.40 12.40
N HIS A 196 -8.76 7.94 12.99
CA HIS A 196 -7.55 8.72 13.28
C HIS A 196 -6.61 8.69 12.13
N LEU A 197 -6.94 7.96 11.06
CA LEU A 197 -6.06 7.82 9.91
C LEU A 197 -6.28 8.89 8.87
N PRO A 198 -5.25 9.25 8.09
CA PRO A 198 -5.45 10.33 7.12
C PRO A 198 -6.30 9.83 5.97
N GLY A 199 -7.26 10.61 5.53
CA GLY A 199 -8.07 10.19 4.40
C GLY A 199 -9.27 9.42 4.88
N TRP A 200 -9.47 9.33 6.21
CA TRP A 200 -10.58 8.58 6.71
C TRP A 200 -11.91 9.23 6.36
N CYS A 201 -12.85 8.33 6.15
CA CYS A 201 -13.90 8.48 5.22
C CYS A 201 -15.06 7.55 5.68
N GLY A 202 -15.78 7.91 6.73
CA GLY A 202 -16.90 7.10 7.15
C GLY A 202 -17.93 7.89 7.93
N VAL A 203 -18.85 7.17 8.60
CA VAL A 203 -19.88 7.87 9.39
C VAL A 203 -19.32 8.43 10.71
N GLU A 204 -19.64 9.69 10.99
CA GLU A 204 -19.31 10.33 12.26
C GLU A 204 -20.52 10.34 13.19
N PRO B 7 -12.59 21.17 19.20
CA PRO B 7 -11.83 21.75 20.33
C PRO B 7 -12.58 22.59 21.39
N ARG B 8 -12.26 22.25 22.64
CA ARG B 8 -12.71 22.91 23.88
C ARG B 8 -11.66 22.66 24.98
N LEU B 9 -11.84 23.34 26.11
CA LEU B 9 -10.72 23.69 26.99
C LEU B 9 -10.66 22.94 28.28
N SER B 10 -9.45 22.54 28.68
CA SER B 10 -9.31 21.88 29.97
C SER B 10 -8.04 22.16 30.77
N ARG B 11 -7.66 21.23 31.63
CA ARG B 11 -6.71 21.44 32.71
C ARG B 11 -6.01 20.21 33.28
N ILE B 12 -4.69 20.20 33.30
CA ILE B 12 -4.00 19.19 34.12
C ILE B 12 -2.87 19.78 34.97
N ALA B 13 -2.54 19.04 36.02
CA ALA B 13 -1.28 19.23 36.69
C ALA B 13 -0.25 19.04 35.62
N ILE B 14 0.80 19.86 35.67
CA ILE B 14 1.95 19.79 34.74
C ILE B 14 2.76 18.50 34.90
N ASP B 15 2.86 18.02 36.13
CA ASP B 15 3.59 16.79 36.42
C ASP B 15 2.86 15.53 35.91
N LYS B 16 1.70 15.70 35.29
CA LYS B 16 1.00 14.59 34.66
C LYS B 16 1.09 14.59 33.13
N LEU B 17 1.65 15.64 32.54
CA LEU B 17 1.71 15.81 31.10
C LEU B 17 2.72 14.90 30.47
N ARG B 18 2.33 14.16 29.46
CA ARG B 18 3.30 13.32 28.75
C ARG B 18 4.05 14.06 27.65
N PRO B 19 5.39 14.23 27.78
CA PRO B 19 6.21 14.78 26.75
C PRO B 19 6.19 13.97 25.48
N THR B 20 6.67 14.55 24.37
CA THR B 20 6.72 13.85 23.12
C THR B 20 8.04 14.06 22.41
N GLN B 21 8.94 14.64 23.18
CA GLN B 21 10.33 14.75 22.79
C GLN B 21 11.27 14.43 23.93
N ILE B 22 12.53 14.08 23.64
CA ILE B 22 13.50 13.80 24.73
C ILE B 22 14.24 15.03 25.35
N ALA B 23 14.54 16.03 24.54
CA ALA B 23 15.38 17.13 24.95
C ALA B 23 14.83 18.51 24.63
N VAL B 24 15.18 19.48 25.45
CA VAL B 24 14.90 20.90 25.11
C VAL B 24 16.16 21.68 25.36
N GLY B 25 16.19 22.97 24.97
CA GLY B 25 17.37 23.79 25.16
C GLY B 25 17.23 24.33 26.57
N PHE B 26 18.04 23.91 27.52
CA PHE B 26 17.91 24.51 28.87
C PHE B 26 18.19 26.04 28.92
N ARG B 27 19.04 26.59 28.05
CA ARG B 27 19.26 28.04 28.18
C ARG B 27 17.96 28.78 27.87
N GLU B 28 17.26 28.30 26.84
CA GLU B 28 16.04 28.90 26.36
C GLU B 28 14.98 28.78 27.43
N VAL B 29 15.05 27.67 28.17
CA VAL B 29 14.09 27.41 29.23
C VAL B 29 14.30 28.44 30.34
N GLU B 30 15.57 28.66 30.69
CA GLU B 30 15.96 29.66 31.66
C GLU B 30 15.54 31.06 31.20
N LEU B 31 15.69 31.38 29.92
CA LEU B 31 15.23 32.68 29.47
C LEU B 31 13.74 32.86 29.57
N LYS B 32 13.00 31.79 29.33
CA LYS B 32 11.56 31.87 29.37
C LYS B 32 11.10 32.09 30.74
N ARG B 33 11.78 31.47 31.70
CA ARG B 33 11.52 31.74 33.11
C ARG B 33 11.62 33.23 33.35
N LYS B 34 12.79 33.80 33.13
CA LYS B 34 13.00 35.24 33.35
C LYS B 34 12.02 36.22 32.67
N GLU B 35 11.30 35.79 31.66
CA GLU B 35 10.19 36.59 31.19
C GLU B 35 9.11 36.37 32.23
N TRP B 36 8.46 35.21 32.17
CA TRP B 36 7.39 34.85 33.11
C TRP B 36 7.65 35.39 34.54
N ARG B 37 8.93 35.45 34.95
CA ARG B 37 9.28 35.87 36.30
C ARG B 37 9.20 37.37 36.45
N GLU B 38 9.95 38.13 35.63
CA GLU B 38 9.94 39.61 35.67
C GLU B 38 8.55 40.23 35.46
N THR B 39 7.59 39.38 35.07
CA THR B 39 6.18 39.74 34.86
C THR B 39 5.30 38.72 35.59
N GLY B 49 -5.19 35.75 31.52
CA GLY B 49 -4.26 35.63 30.43
C GLY B 49 -3.33 34.46 30.73
N ASN B 50 -3.90 33.36 31.22
CA ASN B 50 -3.10 32.16 31.43
C ASN B 50 -2.67 31.49 30.15
N HIS B 51 -1.57 30.75 30.26
CA HIS B 51 -1.03 29.93 29.18
C HIS B 51 -1.87 28.72 28.84
N ILE B 52 -2.08 28.49 27.54
CA ILE B 52 -2.79 27.31 26.96
C ILE B 52 -1.83 26.58 26.03
N VAL B 53 -1.98 25.28 25.92
CA VAL B 53 -0.86 24.51 25.36
C VAL B 53 -1.50 23.32 24.64
N PRO B 54 -1.09 22.98 23.41
CA PRO B 54 -1.89 21.88 22.85
C PRO B 54 -1.47 20.48 23.33
N VAL B 55 -2.44 19.62 23.47
CA VAL B 55 -2.12 18.36 23.98
C VAL B 55 -2.89 17.39 23.12
N VAL B 56 -2.49 16.12 23.09
CA VAL B 56 -3.19 15.09 22.32
C VAL B 56 -3.61 14.00 23.32
N ALA B 57 -4.88 13.59 23.30
CA ALA B 57 -5.37 12.51 24.20
C ALA B 57 -4.93 11.18 23.66
N GLY B 58 -4.25 10.41 24.51
CA GLY B 58 -3.78 9.07 24.15
C GLY B 58 -4.34 7.98 25.09
N PRO B 59 -3.74 6.76 25.03
CA PRO B 59 -4.02 5.63 25.90
C PRO B 59 -4.28 6.07 27.35
N LYS B 60 -5.32 5.50 28.00
CA LYS B 60 -5.94 6.04 29.25
C LYS B 60 -6.76 7.29 28.95
N ASP B 61 -6.91 8.18 29.93
CA ASP B 61 -7.43 9.54 29.64
C ASP B 61 -6.19 10.37 29.16
N ARG B 62 -4.99 9.76 29.20
CA ARG B 62 -3.66 10.44 29.24
C ARG B 62 -3.28 11.61 28.29
N ALA B 63 -2.84 12.77 28.83
CA ALA B 63 -2.40 13.94 27.95
C ALA B 63 -0.96 14.04 27.42
N TYR B 64 -0.84 14.15 26.10
CA TYR B 64 0.43 14.31 25.39
C TYR B 64 0.71 15.70 24.86
N LEU B 65 1.85 16.24 25.25
CA LEU B 65 2.14 17.59 24.97
C LEU B 65 2.64 17.72 23.55
N ILE B 66 1.95 18.42 22.66
CA ILE B 66 2.56 18.44 21.37
C ILE B 66 3.46 19.61 21.10
N ASP B 67 3.30 20.69 21.83
CA ASP B 67 4.46 21.58 21.82
C ASP B 67 4.75 22.39 23.02
N HIS B 68 5.64 23.36 22.90
CA HIS B 68 5.93 24.25 23.96
C HIS B 68 6.56 23.52 25.09
N HIS B 69 7.52 22.65 24.87
CA HIS B 69 8.12 21.99 26.01
C HIS B 69 8.98 22.89 26.87
N HIS B 70 9.71 23.78 26.21
CA HIS B 70 10.51 24.79 26.88
C HIS B 70 9.63 25.61 27.84
N LEU B 71 8.54 26.15 27.32
CA LEU B 71 7.68 26.98 28.16
C LEU B 71 7.06 26.20 29.29
N VAL B 72 6.62 24.98 29.02
CA VAL B 72 5.96 24.21 30.04
C VAL B 72 6.95 23.77 31.08
N LEU B 73 8.18 23.43 30.67
CA LEU B 73 9.14 23.08 31.68
C LEU B 73 9.49 24.30 32.48
N ALA B 74 9.58 25.45 31.86
CA ALA B 74 9.93 26.67 32.58
C ALA B 74 8.90 26.95 33.65
N LEU B 75 7.63 26.64 33.37
CA LEU B 75 6.54 26.89 34.29
C LEU B 75 6.65 25.96 35.46
N SER B 76 7.01 24.71 35.13
CA SER B 76 7.21 23.67 36.13
C SER B 76 8.31 24.05 37.11
N LYS B 77 9.44 24.51 36.57
CA LYS B 77 10.54 24.87 37.44
C LYS B 77 10.21 26.09 38.28
N GLU B 78 9.18 26.86 37.89
CA GLU B 78 8.80 28.03 38.68
C GLU B 78 7.70 27.71 39.70
N GLY B 79 7.32 26.43 39.80
CA GLY B 79 6.35 25.97 40.79
C GLY B 79 4.91 26.05 40.34
N VAL B 80 4.66 26.26 39.05
CA VAL B 80 3.27 26.29 38.62
C VAL B 80 2.74 24.86 38.69
N GLU B 81 1.53 24.73 39.21
CA GLU B 81 0.93 23.45 39.43
C GLU B 81 0.29 22.96 38.13
N HIS B 82 -0.50 23.81 37.52
CA HIS B 82 -1.40 23.39 36.48
C HIS B 82 -1.13 24.17 35.18
N VAL B 83 -1.85 23.86 34.11
CA VAL B 83 -1.71 24.60 32.89
C VAL B 83 -2.97 24.33 32.11
N LEU B 84 -3.55 25.35 31.50
CA LEU B 84 -4.66 25.11 30.63
C LEU B 84 -4.20 24.23 29.50
N THR B 85 -5.10 23.64 28.75
CA THR B 85 -4.67 22.83 27.60
C THR B 85 -5.81 22.73 26.61
N SER B 86 -5.50 22.46 25.36
CA SER B 86 -6.51 22.34 24.34
C SER B 86 -6.38 21.03 23.57
N GLU B 87 -7.36 20.16 23.65
CA GLU B 87 -7.14 18.83 23.10
C GLU B 87 -7.43 18.91 21.62
N VAL B 88 -6.42 18.59 20.83
CA VAL B 88 -6.47 18.77 19.42
C VAL B 88 -6.63 17.45 18.68
N ALA B 89 -6.80 16.32 19.39
CA ALA B 89 -6.89 14.99 18.77
C ALA B 89 -6.90 13.86 19.80
N LYS B 90 -7.83 12.92 19.55
CA LYS B 90 -8.05 11.75 20.36
C LYS B 90 -7.30 10.66 19.66
N PHE B 91 -6.70 9.78 20.44
CA PHE B 91 -6.06 8.58 19.95
C PHE B 91 -6.18 7.59 21.08
N SER B 92 -7.02 7.89 22.06
CA SER B 92 -7.16 6.99 23.19
C SER B 92 -7.88 5.65 22.90
N HIS B 93 -8.26 5.36 21.66
CA HIS B 93 -8.81 4.02 21.36
C HIS B 93 -7.70 3.02 20.94
N LEU B 94 -6.45 3.52 20.98
CA LEU B 94 -5.24 2.78 20.56
C LEU B 94 -4.40 2.22 21.70
N GLY B 95 -3.77 1.07 21.48
CA GLY B 95 -2.74 0.55 22.36
C GLY B 95 -1.52 1.44 22.37
N LYS B 96 -0.60 1.24 23.33
CA LYS B 96 0.67 1.96 23.40
C LYS B 96 1.38 1.94 22.05
N ASP B 97 1.67 0.75 21.58
CA ASP B 97 2.44 0.61 20.36
C ASP B 97 1.90 1.39 19.18
N GLU B 98 0.64 1.11 18.83
CA GLU B 98 -0.02 1.73 17.66
C GLU B 98 0.04 3.25 17.80
N PHE B 99 -0.40 3.75 18.95
CA PHE B 99 -0.14 5.11 19.39
C PHE B 99 1.21 5.71 18.96
N TRP B 100 2.35 5.16 19.42
CA TRP B 100 3.63 5.82 19.04
C TRP B 100 3.80 5.79 17.55
N SER B 101 3.49 4.65 16.95
CA SER B 101 3.53 4.50 15.53
C SER B 101 2.80 5.62 14.86
N VAL B 102 1.57 5.87 15.31
CA VAL B 102 0.73 6.94 14.76
C VAL B 102 1.34 8.30 15.03
N MSE B 103 1.76 8.53 16.27
CA MSE B 103 2.40 9.81 16.59
C MSE B 103 3.52 10.11 15.62
O MSE B 103 3.61 11.20 15.09
CB MSE B 103 2.97 9.82 17.98
CG MSE B 103 1.88 9.81 19.07
SE MSE B 103 0.64 11.32 19.08
CE MSE B 103 1.72 12.26 20.50
N ASP B 104 4.37 9.12 15.40
CA ASP B 104 5.52 9.25 14.54
C ASP B 104 5.04 9.59 13.13
N HIS B 105 4.23 8.72 12.55
CA HIS B 105 3.70 9.03 11.23
CA HIS B 105 3.60 9.03 11.24
C HIS B 105 3.10 10.47 11.19
N ARG B 106 2.43 10.92 12.25
CA ARG B 106 1.84 12.23 12.27
C ARG B 106 2.89 13.31 12.49
N ASN B 107 4.16 12.88 12.58
CA ASN B 107 5.24 13.71 13.10
C ASN B 107 4.97 14.43 14.37
N LEU B 108 4.47 13.82 15.41
CA LEU B 108 4.16 14.61 16.55
C LEU B 108 5.09 14.15 17.64
N ILE B 109 6.13 13.40 17.28
CA ILE B 109 7.17 13.00 18.28
C ILE B 109 8.56 13.32 17.77
N TYR B 110 9.49 13.61 18.66
CA TYR B 110 10.82 13.96 18.28
C TYR B 110 11.71 13.11 19.21
N PRO B 111 11.87 11.84 18.86
CA PRO B 111 12.58 10.98 19.81
C PRO B 111 14.09 11.09 19.61
N PHE B 112 14.65 12.28 19.82
CA PHE B 112 16.12 12.43 19.66
C PHE B 112 16.63 12.96 20.94
N ASP B 113 17.81 12.53 21.39
CA ASP B 113 18.40 12.94 22.72
C ASP B 113 19.35 14.16 22.65
N ALA B 114 19.94 14.61 23.76
CA ALA B 114 20.83 15.80 23.82
C ALA B 114 21.99 15.86 22.87
N GLN B 115 22.35 14.74 22.22
CA GLN B 115 23.44 14.69 21.24
C GLN B 115 22.87 14.47 19.80
N GLY B 116 21.58 14.73 19.63
CA GLY B 116 20.88 14.49 18.38
C GLY B 116 20.80 13.03 17.90
N LEU B 117 20.81 12.09 18.83
CA LEU B 117 20.81 10.69 18.51
C LEU B 117 19.41 10.10 18.54
N ARG B 118 19.00 9.43 17.46
CA ARG B 118 17.70 8.73 17.44
C ARG B 118 17.57 7.71 18.58
N ARG B 119 16.56 7.86 19.41
CA ARG B 119 16.28 6.86 20.46
C ARG B 119 14.88 6.35 20.13
N GLN B 120 14.39 5.30 20.76
CA GLN B 120 13.07 4.80 20.33
C GLN B 120 12.02 5.42 21.18
N SER B 121 10.79 5.33 20.68
CA SER B 121 9.66 5.95 21.32
C SER B 121 9.52 5.58 22.81
N GLY B 122 9.92 4.37 23.17
CA GLY B 122 9.86 4.02 24.56
C GLY B 122 10.83 4.77 25.45
N ASP B 123 11.85 5.38 24.88
CA ASP B 123 12.80 6.17 25.66
C ASP B 123 12.39 7.61 25.79
N ILE B 124 11.26 7.97 25.22
CA ILE B 124 10.70 9.30 25.46
C ILE B 124 10.30 9.34 26.93
N PRO B 125 10.76 10.38 27.67
CA PRO B 125 10.49 10.47 29.12
C PRO B 125 9.02 10.57 29.45
N LYS B 126 8.68 10.05 30.63
CA LYS B 126 7.31 10.11 31.16
C LYS B 126 6.92 11.43 31.89
N ASN B 127 7.89 12.15 32.45
CA ASN B 127 7.63 13.44 33.08
C ASN B 127 8.32 14.59 32.38
N ILE B 128 7.70 15.77 32.43
CA ILE B 128 8.36 16.99 32.00
C ILE B 128 9.78 17.28 32.56
N HIS B 129 10.07 16.99 33.81
CA HIS B 129 11.38 17.33 34.38
C HIS B 129 12.38 16.26 34.13
N ASP B 130 12.02 15.31 33.29
CA ASP B 130 12.93 14.30 32.85
C ASP B 130 13.47 14.67 31.46
N LEU B 131 13.11 15.85 30.96
CA LEU B 131 13.61 16.33 29.68
C LEU B 131 15.13 16.47 29.77
N GLU B 132 15.83 15.86 28.82
CA GLU B 132 17.26 16.04 28.70
C GLU B 132 17.61 17.44 28.12
N ASP B 133 18.71 18.01 28.57
CA ASP B 133 19.14 19.29 27.97
C ASP B 133 20.04 19.19 26.70
N ASP B 134 19.60 19.73 25.57
CA ASP B 134 20.46 19.86 24.39
C ASP B 134 20.97 21.34 24.15
N PRO B 135 22.29 21.58 24.23
CA PRO B 135 22.73 22.98 24.18
C PRO B 135 22.67 23.50 22.77
N PHE B 136 22.83 22.63 21.80
CA PHE B 136 22.68 23.07 20.43
C PHE B 136 21.26 23.48 20.10
N ARG B 137 20.29 23.01 20.90
CA ARG B 137 18.90 23.45 20.69
C ARG B 137 18.80 24.85 21.15
N SER B 138 19.58 25.15 22.19
CA SER B 138 19.65 26.43 22.81
C SER B 138 20.37 27.39 21.87
N LEU B 139 21.48 26.98 21.36
CA LEU B 139 22.14 27.83 20.46
C LEU B 139 21.20 28.11 19.29
N ALA B 140 20.48 27.12 18.78
CA ALA B 140 19.71 27.40 17.52
C ALA B 140 18.55 28.33 17.84
N GLY B 141 17.99 28.12 19.04
CA GLY B 141 17.03 29.02 19.61
C GLY B 141 17.53 30.43 19.42
N ALA B 142 18.59 30.78 20.14
CA ALA B 142 19.19 32.10 20.12
C ALA B 142 19.44 32.53 18.67
N LEU B 143 19.85 31.62 17.81
CA LEU B 143 20.22 32.08 16.47
C LEU B 143 18.98 32.65 15.84
N ARG B 144 17.81 32.02 16.06
CA ARG B 144 16.60 32.56 15.45
C ARG B 144 16.33 33.91 16.01
N MSE B 145 16.35 34.03 17.31
CA MSE B 145 16.04 35.34 17.94
C MSE B 145 16.99 36.45 17.48
O MSE B 145 16.68 37.61 17.53
CB MSE B 145 16.02 35.26 19.44
CG MSE B 145 15.49 33.93 19.92
SE MSE B 145 15.18 33.96 21.90
CE MSE B 145 16.43 32.51 22.58
N ALA B 146 18.16 36.07 17.01
CA ALA B 146 19.05 37.09 16.55
C ALA B 146 18.90 37.43 15.04
N GLY B 147 18.08 36.73 14.25
CA GLY B 147 17.79 37.17 12.88
C GLY B 147 18.55 36.21 11.98
N GLY B 148 18.94 35.06 12.60
CA GLY B 148 19.78 34.09 11.98
C GLY B 148 19.10 33.41 10.82
N TYR B 149 17.78 33.16 11.01
CA TYR B 149 16.93 32.41 10.07
C TYR B 149 15.53 32.65 10.53
N ALA B 150 14.57 32.22 9.72
CA ALA B 150 13.16 32.59 9.84
C ALA B 150 12.34 31.53 10.58
N LYS B 151 11.48 31.89 11.52
CA LYS B 151 10.48 30.94 12.00
C LYS B 151 9.77 30.40 10.77
N VAL B 152 9.31 29.16 10.81
CA VAL B 152 8.82 28.49 9.64
C VAL B 152 7.79 27.40 10.02
N ILE B 153 7.04 26.88 9.06
CA ILE B 153 5.97 25.91 9.40
C ILE B 153 6.50 24.50 9.62
N ILE B 154 7.54 24.09 8.90
CA ILE B 154 8.22 22.83 9.11
C ILE B 154 8.29 22.51 10.62
N PRO B 155 7.91 21.26 11.01
CA PRO B 155 8.04 20.82 12.43
C PRO B 155 9.47 20.54 12.82
N PHE B 156 9.84 20.99 14.03
CA PHE B 156 11.08 20.64 14.69
C PHE B 156 12.22 21.30 14.03
N SER B 157 11.89 22.46 13.53
CA SER B 157 12.78 23.22 12.72
C SER B 157 14.04 23.65 13.45
N GLU B 158 13.89 24.14 14.66
CA GLU B 158 15.04 24.42 15.44
C GLU B 158 15.90 23.21 15.61
N PHE B 159 15.33 22.03 15.73
CA PHE B 159 16.26 20.93 15.92
C PHE B 159 17.06 20.66 14.66
N GLY B 160 16.46 20.99 13.52
CA GLY B 160 17.23 20.88 12.30
C GLY B 160 18.48 21.75 12.29
N TRP B 161 18.34 22.98 12.84
CA TRP B 161 19.45 23.88 12.93
C TRP B 161 20.41 23.40 13.96
N ALA B 162 19.93 22.88 15.10
CA ALA B 162 20.84 22.42 16.15
C ALA B 162 21.72 21.27 15.57
N ASP B 163 21.18 20.42 14.69
CA ASP B 163 21.99 19.38 14.14
C ASP B 163 23.11 19.92 13.25
N PHE B 164 22.78 20.85 12.41
CA PHE B 164 23.75 21.50 11.58
C PHE B 164 24.88 22.13 12.44
N LEU B 165 24.52 22.83 13.52
CA LEU B 165 25.57 23.50 14.34
C LEU B 165 26.48 22.56 15.11
N ARG B 166 25.89 21.44 15.53
CA ARG B 166 26.50 20.47 16.45
C ARG B 166 27.60 19.76 15.73
N ARG B 167 27.54 19.73 14.43
CA ARG B 167 28.55 19.13 13.58
C ARG B 167 29.58 20.14 13.21
N ARG B 168 29.43 21.40 13.59
CA ARG B 168 30.35 22.40 13.09
C ARG B 168 30.85 23.40 14.16
N ILE B 169 30.48 23.23 15.43
CA ILE B 169 30.96 24.10 16.46
C ILE B 169 31.29 23.30 17.73
N ASP B 170 32.52 23.45 18.25
CA ASP B 170 33.02 22.68 19.37
C ASP B 170 32.10 22.79 20.60
N ARG B 171 31.68 21.65 21.19
CA ARG B 171 30.75 21.59 22.35
C ARG B 171 31.27 22.42 23.53
N ASP B 172 32.57 22.34 23.71
CA ASP B 172 33.34 23.11 24.69
C ASP B 172 33.34 24.57 24.44
N LEU B 173 33.64 25.03 23.25
CA LEU B 173 33.46 26.43 22.96
C LEU B 173 32.02 26.86 23.30
N LEU B 174 31.03 26.04 22.85
CA LEU B 174 29.64 26.37 23.20
C LEU B 174 29.44 26.49 24.71
N SER B 175 29.91 25.52 25.51
CA SER B 175 29.61 25.59 26.93
C SER B 175 30.33 26.72 27.56
N ASP B 176 31.53 27.11 27.10
CA ASP B 176 32.37 28.11 27.83
C ASP B 176 32.06 29.55 27.52
N SER B 177 31.66 29.77 26.28
CA SER B 177 31.44 31.12 25.74
C SER B 177 30.35 31.13 24.67
N PHE B 178 29.16 31.57 25.07
CA PHE B 178 27.98 31.46 24.29
C PHE B 178 27.97 32.46 23.20
N ASP B 179 28.31 33.72 23.52
CA ASP B 179 28.51 34.77 22.50
C ASP B 179 29.43 34.34 21.42
N ASP B 180 30.58 33.77 21.80
CA ASP B 180 31.47 33.24 20.74
C ASP B 180 30.81 32.20 19.82
N ALA B 181 30.11 31.23 20.40
CA ALA B 181 29.43 30.26 19.60
C ALA B 181 28.38 30.95 18.70
N LEU B 182 27.63 31.89 19.24
CA LEU B 182 26.61 32.52 18.43
C LEU B 182 27.24 33.31 17.30
N ALA B 183 28.31 34.09 17.55
CA ALA B 183 28.94 34.77 16.45
C ALA B 183 29.29 33.72 15.34
N GLU B 184 29.83 32.56 15.72
CA GLU B 184 30.19 31.55 14.71
C GLU B 184 28.95 31.09 13.95
N ALA B 185 27.88 30.84 14.70
CA ALA B 185 26.61 30.32 14.18
C ALA B 185 25.96 31.29 13.18
N MSE B 186 26.04 32.57 13.51
CA MSE B 186 25.64 33.66 12.65
C MSE B 186 26.36 33.50 11.30
O MSE B 186 25.77 33.57 10.23
CB MSE B 186 26.08 34.94 13.36
CG MSE B 186 25.37 36.16 12.92
SE MSE B 186 23.49 35.94 12.15
CE MSE B 186 23.86 36.99 10.45
N LYS B 187 27.64 33.24 11.39
CA LYS B 187 28.41 33.31 10.23
C LYS B 187 28.09 32.06 9.35
N LEU B 188 27.85 30.92 10.00
CA LEU B 188 27.45 29.71 9.27
C LEU B 188 26.04 29.90 8.68
N ALA B 189 25.13 30.47 9.50
CA ALA B 189 23.77 30.79 9.00
C ALA B 189 23.64 31.54 7.74
N LYS B 190 24.54 32.49 7.44
CA LYS B 190 24.40 33.26 6.26
C LYS B 190 25.14 32.70 5.06
N SER B 191 25.72 31.52 5.24
CA SER B 191 26.69 31.02 4.27
C SER B 191 26.00 29.99 3.39
N ARG B 192 26.44 29.79 2.19
CA ARG B 192 25.80 28.79 1.36
C ARG B 192 25.80 27.36 1.99
N GLU B 193 26.66 27.03 2.96
CA GLU B 193 26.55 25.72 3.62
C GLU B 193 25.18 25.48 4.27
N ALA B 194 24.55 26.51 4.82
CA ALA B 194 23.24 26.34 5.39
C ALA B 194 22.07 26.36 4.41
N ARG B 195 22.32 26.47 3.10
CA ARG B 195 21.23 26.76 2.16
C ARG B 195 20.13 25.73 2.27
N HIS B 196 20.42 24.53 2.76
CA HIS B 196 19.48 23.43 2.64
C HIS B 196 18.54 23.44 3.81
N LEU B 197 18.83 24.23 4.88
CA LEU B 197 18.00 24.33 6.06
C LEU B 197 16.67 25.16 5.93
N PRO B 198 15.61 24.76 6.68
CA PRO B 198 14.35 25.55 6.71
C PRO B 198 14.64 26.97 7.23
N GLY B 199 14.19 28.01 6.51
CA GLY B 199 14.24 29.38 6.99
C GLY B 199 15.53 30.14 6.64
N TRP B 200 16.33 29.57 5.75
CA TRP B 200 17.63 30.11 5.48
C TRP B 200 17.41 31.50 4.86
N CYS B 201 18.31 32.40 5.13
CA CYS B 201 18.10 33.82 4.89
C CYS B 201 19.49 34.26 4.48
N GLY B 202 19.96 34.07 3.29
CA GLY B 202 21.31 34.57 3.06
C GLY B 202 21.36 35.20 1.74
N VAL B 203 22.54 35.68 1.37
CA VAL B 203 22.60 36.31 0.08
C VAL B 203 22.47 35.18 -0.96
N GLU B 204 21.60 35.25 -1.95
CA GLU B 204 21.54 34.12 -2.94
C GLU B 204 22.63 34.15 -3.98
N TYR C 5 4.56 6.26 -10.70
CA TYR C 5 3.21 5.69 -10.76
C TYR C 5 2.38 6.47 -11.79
N GLU C 6 2.74 7.77 -11.99
CA GLU C 6 1.97 8.67 -12.90
C GLU C 6 2.76 9.66 -13.82
N PRO C 7 3.48 10.69 -13.24
CA PRO C 7 3.76 11.87 -14.06
C PRO C 7 4.53 11.52 -15.32
N ARG C 8 4.17 12.18 -16.40
CA ARG C 8 4.88 12.01 -17.64
C ARG C 8 5.43 13.35 -18.14
N LEU C 9 6.23 13.26 -19.18
CA LEU C 9 6.87 14.43 -19.67
C LEU C 9 6.08 14.87 -20.87
N SER C 10 5.88 16.18 -21.04
CA SER C 10 5.30 16.73 -22.27
C SER C 10 5.93 18.04 -22.77
N ARG C 11 5.31 18.66 -23.78
CA ARG C 11 5.80 19.87 -24.40
C ARG C 11 4.61 20.72 -24.82
N ILE C 12 4.77 22.03 -24.68
CA ILE C 12 3.89 22.98 -25.34
C ILE C 12 4.79 24.03 -25.92
N ALA C 13 4.32 24.63 -27.01
CA ALA C 13 4.65 26.03 -27.32
C ALA C 13 4.29 26.92 -26.11
N ILE C 14 5.18 27.85 -25.75
CA ILE C 14 4.89 28.89 -24.79
C ILE C 14 3.70 29.77 -25.19
N ASP C 15 3.49 29.97 -26.47
CA ASP C 15 2.38 30.81 -26.91
C ASP C 15 1.02 30.13 -26.69
N LYS C 16 1.06 28.94 -26.14
CA LYS C 16 -0.15 28.17 -25.98
C LYS C 16 -0.35 27.97 -24.52
N LEU C 17 0.68 28.21 -23.72
CA LEU C 17 0.46 28.18 -22.28
C LEU C 17 -0.47 29.26 -21.80
N ARG C 18 -1.37 28.91 -20.94
CA ARG C 18 -2.30 29.86 -20.37
C ARG C 18 -1.77 30.34 -19.00
N PRO C 19 -1.43 31.61 -18.82
CA PRO C 19 -1.07 32.10 -17.45
C PRO C 19 -2.11 31.89 -16.36
N THR C 20 -1.74 31.99 -15.09
CA THR C 20 -2.66 31.82 -13.99
C THR C 20 -2.45 33.03 -13.08
N GLN C 21 -1.63 33.93 -13.58
CA GLN C 21 -1.52 35.17 -12.82
C GLN C 21 -1.45 36.36 -13.78
N ILE C 22 -1.64 37.55 -13.25
CA ILE C 22 -1.68 38.79 -14.06
C ILE C 22 -0.35 39.52 -14.26
N ALA C 23 0.41 39.72 -13.17
CA ALA C 23 1.74 40.42 -13.25
C ALA C 23 2.98 39.61 -12.80
N VAL C 24 4.15 40.11 -13.20
CA VAL C 24 5.44 39.57 -12.74
C VAL C 24 6.35 40.72 -12.54
N GLY C 25 7.54 40.52 -12.03
CA GLY C 25 8.43 41.69 -11.90
C GLY C 25 9.38 41.71 -13.07
N PHE C 26 9.31 42.72 -13.94
CA PHE C 26 10.17 42.66 -15.13
C PHE C 26 11.69 42.64 -14.80
N ARG C 27 12.18 43.27 -13.70
CA ARG C 27 13.64 43.12 -13.42
C ARG C 27 13.97 41.64 -13.29
N GLU C 28 13.17 40.88 -12.54
CA GLU C 28 13.51 39.49 -12.30
C GLU C 28 13.49 38.75 -13.64
N VAL C 29 12.55 39.08 -14.53
CA VAL C 29 12.60 38.52 -15.89
C VAL C 29 13.95 38.77 -16.62
N GLU C 30 14.43 40.02 -16.60
CA GLU C 30 15.70 40.39 -17.27
C GLU C 30 16.93 39.64 -16.72
N LEU C 31 17.08 39.58 -15.37
CA LEU C 31 18.04 38.69 -14.71
C LEU C 31 17.89 37.28 -15.18
N LYS C 32 16.69 36.69 -15.11
CA LYS C 32 16.63 35.34 -15.73
C LYS C 32 17.05 35.30 -17.20
N ARG C 33 16.72 36.33 -17.97
CA ARG C 33 17.21 36.37 -19.34
C ARG C 33 18.74 36.46 -19.41
N LYS C 34 19.32 37.31 -18.56
CA LYS C 34 20.71 37.56 -18.66
C LYS C 34 21.39 36.23 -18.47
N GLU C 35 21.01 35.50 -17.44
CA GLU C 35 21.52 34.16 -17.19
C GLU C 35 21.47 33.16 -18.35
N TRP C 36 20.27 32.73 -18.72
CA TRP C 36 20.05 31.90 -19.85
C TRP C 36 21.04 32.22 -20.97
N ARG C 37 21.11 33.49 -21.36
CA ARG C 37 22.02 34.00 -22.39
C ARG C 37 23.42 33.52 -22.13
N GLU C 38 23.76 33.47 -20.85
CA GLU C 38 25.12 33.20 -20.43
C GLU C 38 25.42 31.73 -20.09
N THR C 39 24.40 30.90 -19.93
CA THR C 39 24.71 29.48 -19.79
C THR C 39 25.03 28.82 -21.18
N ARG C 40 25.90 27.80 -21.18
CA ARG C 40 26.23 26.96 -22.38
C ARG C 40 25.09 26.73 -23.43
N ASP C 46 18.32 18.90 -26.01
CA ASP C 46 19.08 17.65 -25.77
C ASP C 46 18.28 16.32 -25.51
N PHE C 47 16.99 16.33 -25.07
CA PHE C 47 16.26 17.38 -24.26
C PHE C 47 16.81 17.55 -22.81
N LEU C 48 17.75 16.67 -22.43
CA LEU C 48 18.40 16.67 -21.12
C LEU C 48 19.08 17.99 -20.87
N GLY C 49 18.63 18.64 -19.78
CA GLY C 49 19.18 19.88 -19.26
C GLY C 49 18.06 20.90 -19.22
N ASN C 50 17.00 20.65 -20.00
CA ASN C 50 16.00 21.68 -20.24
C ASN C 50 15.04 21.84 -19.12
N HIS C 51 14.36 22.97 -19.11
CA HIS C 51 13.56 23.38 -17.99
C HIS C 51 12.25 22.72 -18.13
N ILE C 52 11.62 22.39 -17.01
CA ILE C 52 10.36 21.73 -16.97
C ILE C 52 9.48 22.45 -16.01
N VAL C 53 8.24 22.66 -16.38
CA VAL C 53 7.39 23.58 -15.65
C VAL C 53 6.08 22.87 -15.31
N PRO C 54 5.56 23.04 -14.10
CA PRO C 54 4.24 22.47 -13.76
C PRO C 54 2.99 23.15 -14.38
N VAL C 55 2.01 22.30 -14.70
CA VAL C 55 0.89 22.63 -15.64
C VAL C 55 -0.33 21.83 -15.22
N VAL C 56 -1.51 22.43 -15.31
CA VAL C 56 -2.76 21.81 -14.94
C VAL C 56 -3.62 21.69 -16.19
N ALA C 57 -4.28 20.55 -16.45
CA ALA C 57 -5.10 20.51 -17.69
C ALA C 57 -6.45 21.14 -17.44
N GLY C 58 -6.78 22.06 -18.33
CA GLY C 58 -7.97 22.82 -18.20
C GLY C 58 -8.98 22.53 -19.27
N PRO C 59 -10.00 23.35 -19.28
CA PRO C 59 -11.05 23.19 -20.22
C PRO C 59 -10.53 23.29 -21.66
N LYS C 60 -11.32 22.76 -22.61
CA LYS C 60 -10.91 22.48 -23.98
C LYS C 60 -9.60 21.80 -23.81
N ASP C 61 -8.63 22.10 -24.63
CA ASP C 61 -7.40 21.34 -24.34
C ASP C 61 -6.20 22.03 -23.64
N ARG C 62 -6.59 23.00 -22.83
CA ARG C 62 -5.69 24.03 -22.46
C ARG C 62 -4.85 23.63 -21.25
N ALA C 63 -3.55 23.83 -21.37
CA ALA C 63 -2.59 23.70 -20.33
C ALA C 63 -2.43 25.05 -19.59
N TYR C 64 -2.51 25.07 -18.27
CA TYR C 64 -2.37 26.28 -17.47
C TYR C 64 -1.13 26.20 -16.60
N LEU C 65 -0.20 27.12 -16.81
CA LEU C 65 1.06 27.12 -16.13
C LEU C 65 0.85 27.44 -14.69
N ILE C 66 1.51 26.66 -13.87
CA ILE C 66 1.15 26.75 -12.49
C ILE C 66 2.20 27.37 -11.65
N ASP C 67 3.43 27.44 -12.12
CA ASP C 67 4.37 28.30 -11.44
C ASP C 67 5.39 28.93 -12.48
N HIS C 68 6.45 29.63 -12.10
CA HIS C 68 7.54 29.89 -13.03
C HIS C 68 7.19 30.78 -14.27
N HIS C 69 6.17 31.63 -14.11
CA HIS C 69 5.93 32.76 -14.98
C HIS C 69 7.14 33.66 -15.28
N HIS C 70 7.94 34.04 -14.26
CA HIS C 70 9.17 34.75 -14.56
C HIS C 70 10.02 34.00 -15.55
N LEU C 71 10.21 32.70 -15.35
CA LEU C 71 11.03 31.94 -16.26
C LEU C 71 10.32 31.81 -17.56
N VAL C 72 9.03 31.55 -17.56
CA VAL C 72 8.47 31.26 -18.88
C VAL C 72 8.57 32.51 -19.80
N LEU C 73 8.31 33.68 -19.25
CA LEU C 73 8.41 34.88 -20.01
C LEU C 73 9.87 35.19 -20.42
N ALA C 74 10.83 34.96 -19.53
CA ALA C 74 12.19 35.13 -19.88
C ALA C 74 12.53 34.34 -21.18
N LEU C 75 12.14 33.08 -21.14
CA LEU C 75 12.44 32.10 -22.14
C LEU C 75 11.76 32.56 -23.42
N SER C 76 10.52 32.98 -23.29
CA SER C 76 9.80 33.48 -24.45
C SER C 76 10.46 34.76 -25.02
N LYS C 77 10.84 35.70 -24.17
CA LYS C 77 11.49 36.88 -24.66
C LYS C 77 12.84 36.48 -25.26
N GLU C 78 13.36 35.32 -24.94
CA GLU C 78 14.67 35.03 -25.57
C GLU C 78 14.52 34.24 -26.85
N GLY C 79 13.28 34.11 -27.34
CA GLY C 79 13.09 33.53 -28.64
C GLY C 79 12.67 32.07 -28.56
N VAL C 80 12.98 31.43 -27.42
CA VAL C 80 12.73 30.03 -27.19
C VAL C 80 11.28 29.68 -27.46
N GLU C 81 11.08 28.62 -28.24
CA GLU C 81 9.76 28.33 -28.78
C GLU C 81 8.93 27.38 -27.91
N HIS C 82 9.55 26.34 -27.33
CA HIS C 82 8.82 25.44 -26.45
C HIS C 82 9.35 25.34 -25.00
N VAL C 83 8.58 24.70 -24.12
CA VAL C 83 9.09 24.32 -22.81
C VAL C 83 8.64 22.87 -22.34
N LEU C 84 9.46 22.18 -21.57
CA LEU C 84 9.06 20.88 -21.10
C LEU C 84 7.99 21.07 -20.00
N THR C 85 6.93 20.27 -19.98
CA THR C 85 5.92 20.42 -18.91
C THR C 85 5.58 19.12 -18.16
N SER C 86 4.79 19.23 -17.10
CA SER C 86 4.36 18.05 -16.42
C SER C 86 2.97 18.21 -15.87
N GLU C 87 2.04 17.47 -16.43
CA GLU C 87 0.67 17.62 -16.01
C GLU C 87 0.62 17.28 -14.56
N VAL C 88 0.07 18.08 -13.68
CA VAL C 88 0.07 17.64 -12.28
C VAL C 88 -1.35 17.64 -11.77
N ALA C 89 -2.29 17.92 -12.65
CA ALA C 89 -3.66 17.91 -12.25
C ALA C 89 -4.42 18.05 -13.54
N LYS C 90 -5.66 17.54 -13.54
CA LYS C 90 -6.48 17.43 -14.72
C LYS C 90 -7.85 17.91 -14.32
N PHE C 91 -8.29 19.01 -14.87
CA PHE C 91 -9.62 19.45 -14.62
C PHE C 91 -10.37 19.67 -15.96
N SER C 92 -9.98 18.95 -17.01
CA SER C 92 -10.69 19.09 -18.33
C SER C 92 -12.14 18.70 -18.29
N HIS C 93 -12.51 17.77 -17.43
CA HIS C 93 -13.92 17.48 -17.22
C HIS C 93 -14.72 18.71 -16.74
N LEU C 94 -14.09 19.77 -16.24
CA LEU C 94 -14.93 20.89 -15.75
C LEU C 94 -15.26 21.93 -16.81
N GLY C 95 -16.42 22.58 -16.66
CA GLY C 95 -16.71 23.76 -17.47
C GLY C 95 -16.01 25.03 -16.96
N LYS C 96 -15.98 26.07 -17.81
CA LYS C 96 -15.26 27.29 -17.50
C LYS C 96 -15.53 27.84 -16.12
N ASP C 97 -16.77 28.16 -15.81
CA ASP C 97 -17.00 28.75 -14.51
C ASP C 97 -16.45 27.90 -13.39
N GLU C 98 -16.85 26.64 -13.35
CA GLU C 98 -16.36 25.78 -12.25
CA GLU C 98 -16.38 25.69 -12.37
C GLU C 98 -14.84 25.65 -12.24
N PHE C 99 -14.18 25.53 -13.39
CA PHE C 99 -12.75 25.38 -13.40
C PHE C 99 -12.07 26.52 -12.66
N TRP C 100 -12.51 27.71 -13.02
CA TRP C 100 -11.95 28.87 -12.48
C TRP C 100 -12.15 28.94 -11.00
N SER C 101 -13.33 28.60 -10.56
CA SER C 101 -13.58 28.53 -9.14
C SER C 101 -12.72 27.47 -8.45
N VAL C 102 -12.60 26.31 -9.09
CA VAL C 102 -11.79 25.29 -8.49
C VAL C 102 -10.41 25.88 -8.36
N MSE C 103 -9.91 26.45 -9.45
CA MSE C 103 -8.55 27.00 -9.44
C MSE C 103 -8.28 27.89 -8.25
O MSE C 103 -7.25 27.76 -7.61
CB MSE C 103 -8.28 27.73 -10.71
CG MSE C 103 -8.28 26.82 -11.90
SE MSE C 103 -6.72 25.74 -11.77
CE MSE C 103 -5.52 26.58 -13.06
N ASP C 104 -9.19 28.80 -7.95
CA ASP C 104 -8.98 29.69 -6.81
C ASP C 104 -9.04 28.94 -5.48
N HIS C 105 -10.11 28.14 -5.28
CA HIS C 105 -10.29 27.33 -4.07
CA HIS C 105 -10.27 27.29 -4.07
C HIS C 105 -8.94 26.63 -3.75
N ARG C 106 -8.17 26.33 -4.80
CA ARG C 106 -6.85 25.71 -4.60
C ARG C 106 -5.60 26.62 -4.63
N ASN C 107 -5.82 27.91 -4.88
CA ASN C 107 -4.76 28.91 -5.05
C ASN C 107 -3.82 28.54 -6.13
N LEU C 108 -4.37 28.04 -7.21
CA LEU C 108 -3.52 27.90 -8.37
C LEU C 108 -3.51 29.16 -9.21
N ILE C 109 -4.30 30.15 -8.80
CA ILE C 109 -4.37 31.38 -9.56
C ILE C 109 -3.98 32.54 -8.65
N TYR C 110 -3.63 33.67 -9.26
CA TYR C 110 -3.26 34.86 -8.51
C TYR C 110 -3.69 36.10 -9.34
N PRO C 111 -4.94 36.51 -9.22
CA PRO C 111 -5.28 37.58 -10.16
C PRO C 111 -5.19 38.90 -9.44
N PHE C 112 -3.98 39.37 -9.22
CA PHE C 112 -3.79 40.71 -8.76
C PHE C 112 -3.00 41.43 -9.82
N ASP C 113 -3.31 42.71 -10.05
CA ASP C 113 -2.65 43.42 -11.12
C ASP C 113 -1.39 44.05 -10.63
N ALA C 114 -0.60 44.51 -11.59
CA ALA C 114 0.56 45.33 -11.32
C ALA C 114 0.44 46.28 -10.12
N GLN C 115 -0.71 46.87 -9.80
CA GLN C 115 -0.71 47.69 -8.57
C GLN C 115 -1.24 47.04 -7.33
N GLY C 116 -1.25 45.70 -7.41
CA GLY C 116 -1.70 44.80 -6.38
C GLY C 116 -3.17 44.62 -6.13
N LEU C 117 -4.03 44.90 -7.11
CA LEU C 117 -5.47 44.82 -6.87
C LEU C 117 -6.09 43.60 -7.51
N ARG C 118 -7.07 43.05 -6.78
CA ARG C 118 -7.75 41.82 -7.11
C ARG C 118 -8.54 42.02 -8.34
N ARG C 119 -8.60 41.06 -9.22
CA ARG C 119 -9.36 41.15 -10.40
C ARG C 119 -10.08 39.85 -10.63
N GLN C 120 -10.81 39.77 -11.70
CA GLN C 120 -11.65 38.64 -11.91
C GLN C 120 -10.93 37.69 -12.83
N SER C 121 -11.09 36.40 -12.59
CA SER C 121 -10.55 35.35 -13.48
C SER C 121 -10.52 35.79 -14.94
N GLY C 122 -11.58 36.49 -15.34
CA GLY C 122 -11.72 37.01 -16.68
C GLY C 122 -10.59 37.93 -17.08
N ASP C 123 -9.90 38.57 -16.11
CA ASP C 123 -8.82 39.53 -16.45
C ASP C 123 -7.43 38.90 -16.56
N ILE C 124 -7.33 37.58 -16.39
CA ILE C 124 -6.07 36.90 -16.46
C ILE C 124 -5.59 36.77 -17.89
N PRO C 125 -4.42 37.28 -18.16
CA PRO C 125 -4.04 37.16 -19.53
C PRO C 125 -4.09 35.71 -20.04
N LYS C 126 -4.12 35.58 -21.37
CA LYS C 126 -4.07 34.31 -22.10
C LYS C 126 -2.73 34.05 -22.84
N ASN C 127 -1.87 35.04 -23.04
CA ASN C 127 -0.46 34.75 -23.36
C ASN C 127 0.43 35.19 -22.25
N ILE C 128 1.56 34.51 -22.13
CA ILE C 128 2.63 34.95 -21.36
C ILE C 128 3.02 36.37 -21.70
N HIS C 129 2.93 36.73 -22.97
CA HIS C 129 3.32 38.06 -23.40
C HIS C 129 2.51 39.20 -22.94
N ASP C 130 1.34 38.96 -22.40
CA ASP C 130 0.48 40.00 -21.86
C ASP C 130 0.57 40.16 -20.33
N LEU C 131 1.61 39.63 -19.72
CA LEU C 131 1.82 39.89 -18.32
C LEU C 131 2.22 41.37 -18.10
N GLU C 132 1.59 41.97 -17.09
CA GLU C 132 1.95 43.26 -16.60
C GLU C 132 3.23 43.20 -15.76
N ASP C 133 3.89 44.33 -15.62
CA ASP C 133 5.02 44.53 -14.73
C ASP C 133 4.57 44.95 -13.37
N ASP C 134 4.83 44.19 -12.33
CA ASP C 134 4.61 44.73 -11.02
C ASP C 134 5.95 45.04 -10.40
N PRO C 135 6.30 46.32 -10.34
CA PRO C 135 7.70 46.60 -9.96
C PRO C 135 7.94 46.26 -8.52
N PHE C 136 6.91 46.20 -7.66
CA PHE C 136 7.23 45.88 -6.26
C PHE C 136 7.49 44.41 -6.13
N ARG C 137 7.02 43.62 -7.12
CA ARG C 137 7.31 42.25 -7.10
C ARG C 137 8.83 42.08 -7.38
N SER C 138 9.37 42.88 -8.31
CA SER C 138 10.82 42.91 -8.53
C SER C 138 11.54 43.31 -7.29
N LEU C 139 11.08 44.34 -6.61
CA LEU C 139 11.76 44.71 -5.35
C LEU C 139 11.72 43.54 -4.39
N ALA C 140 10.59 42.81 -4.34
CA ALA C 140 10.53 41.76 -3.33
C ALA C 140 11.53 40.69 -3.68
N GLY C 141 11.67 40.31 -4.98
CA GLY C 141 12.57 39.26 -5.35
C GLY C 141 13.95 39.74 -4.90
N ALA C 142 14.22 41.02 -5.17
CA ALA C 142 15.60 41.41 -5.01
C ALA C 142 15.87 41.35 -3.51
N LEU C 143 14.83 41.53 -2.71
CA LEU C 143 15.07 41.72 -1.31
C LEU C 143 15.36 40.32 -0.87
N ARG C 144 14.76 39.31 -1.52
CA ARG C 144 14.96 37.97 -1.00
C ARG C 144 16.38 37.54 -1.27
N MSE C 145 16.86 37.83 -2.45
CA MSE C 145 18.18 37.51 -2.82
C MSE C 145 19.21 38.20 -2.07
O MSE C 145 20.27 37.64 -1.93
CB MSE C 145 18.37 37.85 -4.23
CG MSE C 145 17.87 36.78 -5.01
SE MSE C 145 17.54 37.21 -6.89
CE MSE C 145 18.63 35.52 -7.51
N ALA C 146 18.93 39.39 -1.58
CA ALA C 146 19.87 40.07 -0.70
C ALA C 146 19.78 39.50 0.76
N GLY C 147 18.92 38.52 0.98
CA GLY C 147 18.86 37.96 2.27
C GLY C 147 18.02 38.81 3.19
N GLY C 148 17.05 39.54 2.67
CA GLY C 148 16.14 40.18 3.58
C GLY C 148 15.01 39.31 4.11
N TYR C 149 14.70 38.17 3.46
CA TYR C 149 13.78 37.23 4.11
C TYR C 149 13.96 35.84 3.51
N ALA C 150 13.34 34.79 4.06
CA ALA C 150 13.56 33.42 3.62
C ALA C 150 12.55 32.98 2.62
N LYS C 151 12.97 32.20 1.59
CA LYS C 151 12.04 31.32 0.82
C LYS C 151 11.26 30.40 1.71
N VAL C 152 10.10 29.94 1.32
CA VAL C 152 9.16 29.38 2.29
C VAL C 152 8.17 28.76 1.36
N ILE C 153 7.41 27.73 1.75
CA ILE C 153 6.56 27.07 0.76
C ILE C 153 5.18 27.66 0.51
N ILE C 154 4.70 28.57 1.37
CA ILE C 154 3.50 29.36 1.10
C ILE C 154 3.51 29.73 -0.42
N PRO C 155 2.45 29.40 -1.13
CA PRO C 155 2.32 30.03 -2.48
C PRO C 155 2.38 31.57 -2.38
N PHE C 156 3.05 32.28 -3.31
CA PHE C 156 2.84 33.74 -3.43
C PHE C 156 3.46 34.55 -2.29
N SER C 157 4.31 33.93 -1.54
CA SER C 157 5.12 34.60 -0.56
C SER C 157 5.64 35.95 -1.09
N GLU C 158 6.21 35.94 -2.29
CA GLU C 158 6.87 37.14 -2.76
C GLU C 158 5.88 38.28 -3.00
N PHE C 159 4.72 37.93 -3.50
CA PHE C 159 3.71 38.93 -3.75
C PHE C 159 3.21 39.48 -2.47
N GLY C 160 3.21 38.74 -1.35
CA GLY C 160 2.75 39.20 -0.08
C GLY C 160 3.70 40.25 0.37
N TRP C 161 5.01 40.01 0.25
CA TRP C 161 6.07 41.00 0.46
C TRP C 161 5.95 42.25 -0.48
N ALA C 162 5.59 42.03 -1.74
CA ALA C 162 5.48 43.15 -2.69
C ALA C 162 4.39 44.10 -2.17
N ASP C 163 3.28 43.56 -1.72
CA ASP C 163 2.25 44.33 -1.10
C ASP C 163 2.72 45.13 0.15
N PHE C 164 3.45 44.50 1.08
CA PHE C 164 3.95 45.25 2.15
C PHE C 164 4.78 46.49 1.66
N LEU C 165 5.56 46.26 0.63
CA LEU C 165 6.47 47.27 0.26
C LEU C 165 5.67 48.34 -0.47
N ARG C 166 4.68 47.96 -1.27
CA ARG C 166 4.00 48.98 -2.03
C ARG C 166 3.19 49.86 -1.15
N ARG C 167 2.95 49.52 0.10
CA ARG C 167 2.23 50.44 0.96
C ARG C 167 3.21 51.37 1.63
N ARG C 168 4.49 51.16 1.42
CA ARG C 168 5.45 51.88 2.25
C ARG C 168 6.58 52.56 1.54
N ILE C 169 6.81 52.22 0.28
CA ILE C 169 7.94 52.76 -0.44
C ILE C 169 7.37 53.42 -1.65
N ASP C 170 7.55 54.71 -1.71
CA ASP C 170 7.16 55.54 -2.86
C ASP C 170 7.55 54.87 -4.20
N ARG C 171 6.61 54.66 -5.11
CA ARG C 171 6.86 54.06 -6.44
C ARG C 171 7.94 54.79 -7.17
N ASP C 172 7.88 56.12 -7.08
CA ASP C 172 8.90 56.86 -7.75
C ASP C 172 10.29 56.45 -7.35
N LEU C 173 10.56 56.29 -6.05
CA LEU C 173 11.93 55.95 -5.63
C LEU C 173 12.42 54.72 -6.33
N LEU C 174 11.52 53.82 -6.51
CA LEU C 174 11.86 52.66 -7.22
C LEU C 174 12.34 52.92 -8.65
N SER C 175 11.90 53.95 -9.34
CA SER C 175 12.50 54.07 -10.67
C SER C 175 13.76 54.90 -10.57
N ASP C 176 13.74 55.94 -9.74
CA ASP C 176 14.87 56.75 -9.58
C ASP C 176 16.07 55.98 -9.15
N SER C 177 16.02 55.38 -7.95
CA SER C 177 17.09 54.55 -7.52
C SER C 177 16.69 53.19 -6.88
N PHE C 178 16.79 52.15 -7.67
CA PHE C 178 16.42 50.89 -7.24
C PHE C 178 17.22 50.43 -5.98
N ASP C 179 18.56 50.65 -6.01
CA ASP C 179 19.36 50.30 -4.86
C ASP C 179 18.88 51.04 -3.63
N ASP C 180 18.40 52.26 -3.78
CA ASP C 180 17.82 52.96 -2.62
C ASP C 180 16.56 52.34 -2.17
N ALA C 181 15.81 51.78 -3.14
CA ALA C 181 14.49 51.21 -2.80
C ALA C 181 14.79 49.91 -2.06
N LEU C 182 15.77 49.16 -2.53
CA LEU C 182 16.23 47.99 -1.89
C LEU C 182 16.75 48.24 -0.46
N ALA C 183 17.47 49.33 -0.20
CA ALA C 183 17.98 49.55 1.12
C ALA C 183 16.85 49.88 2.09
N GLU C 184 15.86 50.65 1.59
CA GLU C 184 14.67 50.89 2.36
C GLU C 184 13.93 49.57 2.69
N ALA C 185 13.62 48.81 1.66
CA ALA C 185 13.04 47.51 1.83
C ALA C 185 13.79 46.69 2.92
N MSE C 186 15.09 46.81 2.94
CA MSE C 186 15.83 45.97 3.77
C MSE C 186 15.65 46.39 5.17
O MSE C 186 15.45 45.56 6.03
CB MSE C 186 17.28 46.09 3.42
CG MSE C 186 18.17 45.30 4.33
SE MSE C 186 18.02 43.31 4.06
CE MSE C 186 16.80 42.88 5.50
N LYS C 187 15.70 47.69 5.43
CA LYS C 187 15.55 48.12 6.78
C LYS C 187 14.12 47.82 7.28
N LEU C 188 13.09 47.87 6.43
CA LEU C 188 11.81 47.27 6.83
C LEU C 188 11.79 45.74 6.95
N ALA C 189 12.44 45.02 6.05
CA ALA C 189 12.41 43.57 6.18
C ALA C 189 12.80 43.14 7.61
N LYS C 190 13.86 43.76 8.13
CA LYS C 190 14.46 43.54 9.45
C LYS C 190 13.74 44.09 10.65
N SER C 191 12.61 44.75 10.49
CA SER C 191 12.06 45.41 11.64
C SER C 191 10.74 44.73 12.03
N ARG C 192 10.08 45.21 13.08
CA ARG C 192 8.96 44.49 13.64
C ARG C 192 7.77 44.77 12.72
N GLU C 193 7.84 45.85 11.99
CA GLU C 193 6.73 46.06 11.09
C GLU C 193 6.44 44.85 10.17
N ALA C 194 7.47 44.04 9.83
CA ALA C 194 7.32 43.05 8.82
C ALA C 194 7.15 41.64 9.41
N ARG C 195 7.11 41.57 10.73
CA ARG C 195 7.07 40.32 11.46
C ARG C 195 5.92 39.38 11.09
N HIS C 196 4.82 39.91 10.63
CA HIS C 196 3.74 39.03 10.26
C HIS C 196 3.99 38.38 8.92
N LEU C 197 5.08 38.66 8.22
CA LEU C 197 5.18 38.17 6.83
C LEU C 197 5.86 36.78 6.71
N PRO C 198 5.61 36.08 5.63
CA PRO C 198 6.23 34.75 5.59
C PRO C 198 7.73 34.94 5.43
N GLY C 199 8.55 34.12 6.10
CA GLY C 199 9.93 34.12 5.80
C GLY C 199 10.63 35.19 6.59
N TRP C 200 9.88 35.90 7.43
CA TRP C 200 10.46 37.03 8.20
C TRP C 200 11.67 36.64 8.98
N CYS C 201 12.61 37.50 9.04
CA CYS C 201 13.89 37.08 9.39
C CYS C 201 14.62 38.02 10.32
N GLY C 202 13.98 38.87 11.09
CA GLY C 202 14.76 39.75 11.96
C GLY C 202 14.92 39.43 13.42
N VAL C 203 15.46 40.37 14.19
CA VAL C 203 15.68 40.25 15.66
C VAL C 203 14.39 40.21 16.47
N GLU C 204 14.23 39.25 17.37
CA GLU C 204 12.95 39.15 18.15
C GLU C 204 12.83 40.00 19.42
N GLU D 6 3.61 31.23 21.92
CA GLU D 6 3.14 30.77 23.28
C GLU D 6 1.75 31.35 23.66
N PRO D 7 0.62 30.80 23.13
CA PRO D 7 -0.67 31.47 23.30
C PRO D 7 -1.23 31.54 24.72
N ARG D 8 -2.20 32.45 24.87
CA ARG D 8 -2.91 32.68 26.11
C ARG D 8 -4.41 32.79 25.86
N LEU D 9 -5.17 32.52 26.91
CA LEU D 9 -6.61 32.54 26.82
C LEU D 9 -7.22 33.92 27.03
N SER D 10 -8.34 34.17 26.39
CA SER D 10 -9.25 35.19 26.89
C SER D 10 -10.68 34.91 26.48
N ARG D 11 -11.61 35.70 26.98
CA ARG D 11 -12.99 35.70 26.49
C ARG D 11 -13.37 36.98 25.71
N ILE D 12 -14.39 36.90 24.85
CA ILE D 12 -15.09 38.09 24.35
C ILE D 12 -16.60 37.90 24.27
N ALA D 13 -17.30 39.02 24.21
CA ALA D 13 -18.73 39.01 23.96
C ALA D 13 -18.87 38.59 22.54
N ILE D 14 -19.77 37.66 22.24
CA ILE D 14 -19.82 37.20 20.85
C ILE D 14 -20.29 38.29 19.81
N ASP D 15 -21.08 39.26 20.25
CA ASP D 15 -21.44 40.43 19.43
C ASP D 15 -20.17 41.12 18.94
N LYS D 16 -19.23 41.31 19.87
CA LYS D 16 -17.97 42.01 19.58
C LYS D 16 -17.00 41.23 18.64
N LEU D 17 -17.16 39.92 18.48
CA LEU D 17 -16.34 39.13 17.54
C LEU D 17 -16.61 39.46 16.09
N ARG D 18 -15.61 39.81 15.28
CA ARG D 18 -15.93 40.01 13.85
C ARG D 18 -15.79 38.70 13.11
N PRO D 19 -16.84 38.26 12.37
CA PRO D 19 -16.81 37.14 11.37
C PRO D 19 -15.69 37.20 10.31
N THR D 20 -15.67 36.34 9.29
CA THR D 20 -14.49 36.13 8.45
C THR D 20 -14.97 35.45 7.20
N GLN D 21 -16.23 35.10 7.25
CA GLN D 21 -16.99 34.60 6.10
C GLN D 21 -18.40 35.19 6.08
N ILE D 22 -19.14 34.85 5.05
CA ILE D 22 -20.47 35.44 4.84
C ILE D 22 -21.57 34.45 5.18
N ALA D 23 -21.34 33.18 4.81
CA ALA D 23 -22.37 32.18 4.98
C ALA D 23 -21.98 30.96 5.79
N VAL D 24 -22.97 30.43 6.46
CA VAL D 24 -22.92 29.15 7.11
C VAL D 24 -24.15 28.36 6.64
N GLY D 25 -24.14 27.05 6.89
CA GLY D 25 -25.29 26.21 6.64
C GLY D 25 -26.11 26.19 7.91
N PHE D 26 -27.31 26.78 7.81
CA PHE D 26 -28.25 26.79 8.92
C PHE D 26 -28.64 25.44 9.42
N ARG D 27 -28.76 24.46 8.53
CA ARG D 27 -29.13 23.09 8.98
C ARG D 27 -28.05 22.59 9.93
N GLU D 28 -26.78 22.94 9.64
CA GLU D 28 -25.62 22.57 10.49
C GLU D 28 -25.62 23.36 11.82
N VAL D 29 -25.99 24.62 11.76
CA VAL D 29 -26.17 25.39 12.98
C VAL D 29 -27.35 24.86 13.82
N GLU D 30 -28.45 24.46 13.19
CA GLU D 30 -29.60 23.94 13.97
C GLU D 30 -29.14 22.69 14.68
N LEU D 31 -28.30 21.88 14.02
CA LEU D 31 -27.80 20.64 14.62
C LEU D 31 -26.94 20.90 15.87
N LYS D 32 -25.88 21.67 15.70
CA LYS D 32 -24.99 21.99 16.80
C LYS D 32 -25.76 22.56 17.99
N ARG D 33 -26.97 23.07 17.72
CA ARG D 33 -27.83 23.61 18.77
C ARG D 33 -28.51 22.51 19.59
N LYS D 34 -29.17 21.58 18.90
CA LYS D 34 -29.78 20.38 19.53
C LYS D 34 -28.75 19.52 20.27
N GLU D 35 -27.61 19.26 19.63
CA GLU D 35 -26.52 18.54 20.29
C GLU D 35 -26.13 19.34 21.56
N TRP D 36 -25.65 20.58 21.40
CA TRP D 36 -25.31 21.46 22.54
C TRP D 36 -26.29 21.44 23.71
N ARG D 37 -27.56 21.18 23.40
CA ARG D 37 -28.69 21.47 24.28
C ARG D 37 -28.70 20.78 25.66
N GLU D 38 -27.80 19.83 25.89
CA GLU D 38 -27.84 19.03 27.14
C GLU D 38 -26.45 18.72 27.77
N THR D 39 -25.58 19.73 27.95
CA THR D 39 -24.17 19.48 28.35
C THR D 39 -23.44 20.50 29.30
N ARG D 40 -23.78 20.65 30.59
CA ARG D 40 -25.00 20.18 31.28
C ARG D 40 -25.30 21.20 32.42
N PHE D 47 -13.65 29.24 32.03
CA PHE D 47 -14.68 28.22 32.31
C PHE D 47 -14.18 26.74 32.14
N LEU D 48 -14.30 25.97 33.23
CA LEU D 48 -13.76 24.58 33.43
C LEU D 48 -13.75 23.53 32.24
N GLY D 49 -14.38 23.86 31.12
CA GLY D 49 -14.49 22.96 29.96
C GLY D 49 -15.28 23.50 28.78
N ASN D 50 -15.45 24.82 28.72
CA ASN D 50 -16.21 25.43 27.65
C ASN D 50 -15.43 25.39 26.34
N HIS D 51 -15.85 26.21 25.40
CA HIS D 51 -15.21 26.19 24.09
C HIS D 51 -14.25 27.32 23.87
N ILE D 52 -13.10 26.99 23.29
CA ILE D 52 -12.14 28.00 22.94
C ILE D 52 -12.19 27.99 21.46
N VAL D 53 -12.03 29.16 20.89
CA VAL D 53 -12.21 29.31 19.50
C VAL D 53 -11.08 30.22 19.04
N PRO D 54 -10.53 29.93 17.85
CA PRO D 54 -9.31 30.60 17.38
C PRO D 54 -9.62 31.94 16.78
N VAL D 55 -8.83 32.93 17.16
CA VAL D 55 -9.10 34.27 16.78
C VAL D 55 -7.80 35.01 16.42
N VAL D 56 -7.89 35.96 15.49
CA VAL D 56 -6.74 36.80 15.07
C VAL D 56 -6.93 38.18 15.68
N ALA D 57 -5.88 38.81 16.18
CA ALA D 57 -6.07 40.17 16.71
C ALA D 57 -5.92 41.10 15.53
N GLY D 58 -6.95 41.89 15.29
CA GLY D 58 -6.93 42.75 14.12
C GLY D 58 -6.64 44.20 14.38
N PRO D 59 -6.80 45.03 13.33
CA PRO D 59 -6.52 46.44 13.58
C PRO D 59 -7.66 46.91 14.41
N LYS D 60 -7.34 47.99 15.12
CA LYS D 60 -8.08 48.42 16.33
C LYS D 60 -7.81 47.38 17.42
N ASP D 61 -8.70 47.23 18.37
CA ASP D 61 -8.49 46.02 19.19
C ASP D 61 -9.35 44.81 18.72
N ARG D 62 -9.96 44.92 17.54
CA ARG D 62 -10.91 43.97 17.04
C ARG D 62 -10.38 42.51 16.85
N ALA D 63 -11.25 41.56 17.17
CA ALA D 63 -10.92 40.17 17.12
C ALA D 63 -11.75 39.46 16.07
N TYR D 64 -11.06 38.70 15.24
CA TYR D 64 -11.60 38.07 14.07
C TYR D 64 -11.61 36.55 14.18
N LEU D 65 -12.81 36.01 14.01
CA LEU D 65 -13.05 34.58 14.17
C LEU D 65 -12.46 33.82 12.99
N ILE D 66 -11.62 32.87 13.35
CA ILE D 66 -10.90 32.13 12.37
C ILE D 66 -11.60 30.81 11.98
N ASP D 67 -12.14 30.04 12.85
CA ASP D 67 -13.00 29.07 12.17
C ASP D 67 -14.36 28.95 12.82
N HIS D 68 -15.06 27.86 12.61
CA HIS D 68 -16.09 27.58 13.57
C HIS D 68 -17.22 28.63 13.55
N HIS D 69 -17.60 29.05 12.38
CA HIS D 69 -18.64 30.00 12.41
C HIS D 69 -19.94 29.26 12.72
N HIS D 70 -20.17 28.13 12.05
CA HIS D 70 -21.29 27.27 12.39
C HIS D 70 -21.48 27.17 13.92
N LEU D 71 -20.43 26.91 14.66
CA LEU D 71 -20.55 26.76 16.11
C LEU D 71 -20.95 28.02 16.84
N VAL D 72 -20.28 29.12 16.59
CA VAL D 72 -20.53 30.38 17.32
C VAL D 72 -21.90 30.90 17.07
N LEU D 73 -22.38 30.70 15.85
CA LEU D 73 -23.75 31.09 15.53
C LEU D 73 -24.72 30.33 16.45
N ALA D 74 -24.58 29.00 16.52
CA ALA D 74 -25.27 28.17 17.52
C ALA D 74 -25.23 28.68 18.98
N LEU D 75 -24.04 28.96 19.50
CA LEU D 75 -23.94 29.60 20.83
C LEU D 75 -24.80 30.88 20.92
N SER D 76 -24.45 31.86 20.09
CA SER D 76 -25.20 33.10 19.99
C SER D 76 -26.72 32.85 20.14
N LYS D 77 -27.24 31.88 19.39
CA LYS D 77 -28.67 31.57 19.33
C LYS D 77 -29.23 30.76 20.50
N GLU D 78 -28.37 30.36 21.43
CA GLU D 78 -28.84 29.76 22.70
C GLU D 78 -28.51 30.75 23.81
N GLY D 79 -28.37 32.04 23.36
CA GLY D 79 -28.13 33.13 24.29
C GLY D 79 -26.84 33.07 25.08
N VAL D 80 -25.81 32.39 24.56
CA VAL D 80 -24.51 32.43 25.23
C VAL D 80 -23.77 33.73 24.85
N GLU D 81 -23.19 34.34 25.86
CA GLU D 81 -22.87 35.73 25.75
C GLU D 81 -21.40 35.95 25.43
N HIS D 82 -20.55 35.14 26.05
CA HIS D 82 -19.12 35.19 25.83
C HIS D 82 -18.64 33.84 25.37
N VAL D 83 -17.41 33.81 24.85
CA VAL D 83 -16.73 32.55 24.48
C VAL D 83 -15.19 32.61 24.72
N LEU D 84 -14.58 31.51 25.10
CA LEU D 84 -13.16 31.52 25.26
C LEU D 84 -12.56 31.63 23.86
N THR D 85 -11.34 32.16 23.79
CA THR D 85 -10.69 32.38 22.54
C THR D 85 -9.21 32.42 22.73
N SER D 86 -8.53 31.95 21.71
CA SER D 86 -7.09 31.86 21.71
C SER D 86 -6.55 32.72 20.58
N GLU D 87 -5.86 33.80 20.94
CA GLU D 87 -5.32 34.67 19.91
C GLU D 87 -4.19 33.92 19.27
N VAL D 88 -4.34 33.48 18.00
CA VAL D 88 -3.29 32.76 17.25
C VAL D 88 -2.51 33.61 16.23
N ALA D 89 -2.92 34.84 15.94
CA ALA D 89 -2.05 35.74 15.17
C ALA D 89 -2.36 37.17 15.52
N LYS D 90 -1.30 38.00 15.47
CA LYS D 90 -1.37 39.39 15.81
C LYS D 90 -1.07 40.26 14.57
N PHE D 91 -2.12 40.90 14.04
CA PHE D 91 -1.95 41.79 12.93
C PHE D 91 -2.38 43.16 13.31
N SER D 92 -2.23 43.55 14.55
CA SER D 92 -2.69 44.86 14.95
C SER D 92 -1.79 46.00 14.57
N HIS D 93 -0.68 45.77 13.88
CA HIS D 93 0.17 46.89 13.57
C HIS D 93 -0.08 47.40 12.17
N LEU D 94 -1.02 46.73 11.51
CA LEU D 94 -1.44 47.03 10.14
C LEU D 94 -2.59 48.03 10.03
N GLY D 95 -2.59 48.83 8.98
CA GLY D 95 -3.79 49.56 8.58
C GLY D 95 -4.92 48.64 8.18
N LYS D 96 -6.13 49.14 8.00
CA LYS D 96 -7.26 48.26 7.66
C LYS D 96 -7.19 47.65 6.30
N ASP D 97 -6.80 48.46 5.35
CA ASP D 97 -6.82 48.01 4.00
C ASP D 97 -5.81 46.88 3.93
N GLU D 98 -4.68 47.07 4.61
CA GLU D 98 -3.60 46.11 4.54
C GLU D 98 -4.11 44.90 5.20
N PHE D 99 -4.76 45.08 6.32
CA PHE D 99 -5.25 43.93 7.06
C PHE D 99 -6.11 43.00 6.25
N TRP D 100 -7.03 43.49 5.44
CA TRP D 100 -7.82 42.53 4.66
C TRP D 100 -6.99 41.81 3.64
N SER D 101 -6.04 42.55 3.09
CA SER D 101 -5.25 41.98 2.03
C SER D 101 -4.40 40.83 2.55
N VAL D 102 -3.79 41.00 3.74
CA VAL D 102 -2.98 39.96 4.37
C VAL D 102 -3.88 38.79 4.78
N MSE D 103 -5.09 39.11 5.27
CA MSE D 103 -6.05 38.09 5.60
C MSE D 103 -6.29 37.19 4.37
O MSE D 103 -6.08 35.98 4.44
CB MSE D 103 -7.36 38.70 6.06
CG MSE D 103 -7.32 39.21 7.53
SE MSE D 103 -6.88 37.83 8.91
CE MSE D 103 -8.73 37.42 9.33
N ASP D 104 -6.67 37.79 3.25
CA ASP D 104 -6.89 37.06 2.00
C ASP D 104 -5.66 36.25 1.55
N HIS D 105 -4.49 36.67 1.94
CA HIS D 105 -3.28 36.11 1.39
C HIS D 105 -3.00 34.88 2.20
N ARG D 106 -3.45 34.88 3.43
CA ARG D 106 -3.17 33.76 4.30
C ARG D 106 -4.32 32.81 4.35
N ASN D 107 -5.32 33.06 3.49
CA ASN D 107 -6.60 32.34 3.45
C ASN D 107 -7.29 32.18 4.81
N LEU D 108 -7.46 33.31 5.49
CA LEU D 108 -8.25 33.33 6.67
C LEU D 108 -9.62 34.04 6.45
N ILE D 109 -9.95 34.42 5.21
CA ILE D 109 -11.28 34.94 4.98
C ILE D 109 -11.95 34.11 3.87
N TYR D 110 -13.28 34.07 3.86
CA TYR D 110 -14.01 33.38 2.82
C TYR D 110 -15.17 34.24 2.44
N PRO D 111 -14.94 35.15 1.51
CA PRO D 111 -15.87 36.21 1.14
C PRO D 111 -16.77 35.74 -0.02
N PHE D 112 -17.45 34.66 0.21
CA PHE D 112 -18.39 34.17 -0.76
C PHE D 112 -19.73 34.13 -0.07
N ASP D 113 -20.72 34.70 -0.74
CA ASP D 113 -22.07 34.78 -0.20
C ASP D 113 -22.77 33.44 -0.34
N ALA D 114 -24.00 33.38 0.17
CA ALA D 114 -24.85 32.21 0.12
C ALA D 114 -25.04 31.66 -1.29
N GLN D 115 -24.58 32.37 -2.33
CA GLN D 115 -24.79 31.88 -3.71
C GLN D 115 -23.53 31.29 -4.36
N GLY D 116 -22.43 31.31 -3.62
CA GLY D 116 -21.12 30.86 -4.12
C GLY D 116 -20.38 32.03 -4.76
N LEU D 117 -21.07 33.16 -4.89
CA LEU D 117 -20.53 34.29 -5.62
C LEU D 117 -19.49 35.04 -4.80
N ARG D 118 -18.36 35.39 -5.42
CA ARG D 118 -17.28 36.12 -4.73
C ARG D 118 -17.61 37.65 -4.50
N ARG D 119 -17.56 38.08 -3.25
CA ARG D 119 -17.89 39.46 -2.88
C ARG D 119 -16.66 40.13 -2.36
N GLN D 120 -16.60 41.47 -2.43
CA GLN D 120 -15.46 42.18 -1.84
C GLN D 120 -15.33 41.94 -0.35
N SER D 121 -14.17 42.19 0.25
CA SER D 121 -14.03 41.90 1.68
C SER D 121 -14.82 42.91 2.49
N GLY D 122 -15.13 44.06 1.90
CA GLY D 122 -16.01 45.01 2.57
C GLY D 122 -17.34 44.37 2.97
N ASP D 123 -17.78 43.36 2.20
CA ASP D 123 -19.13 42.78 2.33
C ASP D 123 -19.18 41.68 3.40
N ILE D 124 -18.07 41.45 4.11
CA ILE D 124 -18.08 40.51 5.24
C ILE D 124 -18.74 41.24 6.37
N PRO D 125 -19.80 40.65 6.94
CA PRO D 125 -20.63 41.13 8.04
C PRO D 125 -19.79 41.34 9.27
N LYS D 126 -20.18 42.24 10.14
CA LYS D 126 -19.35 42.59 11.29
C LYS D 126 -19.94 42.08 12.62
N ASN D 127 -20.66 41.00 12.57
CA ASN D 127 -21.38 40.48 13.71
C ASN D 127 -21.79 39.13 13.31
N ILE D 128 -21.53 38.11 14.11
CA ILE D 128 -22.15 36.77 13.82
C ILE D 128 -23.65 36.81 13.44
N HIS D 129 -24.42 37.67 14.06
CA HIS D 129 -25.85 37.55 13.85
C HIS D 129 -26.29 37.86 12.39
N ASP D 130 -25.33 38.24 11.52
CA ASP D 130 -25.66 38.52 10.10
C ASP D 130 -25.11 37.46 9.17
N LEU D 131 -24.70 36.33 9.70
CA LEU D 131 -24.31 35.25 8.81
C LEU D 131 -25.50 34.77 7.92
N GLU D 132 -25.25 34.76 6.60
CA GLU D 132 -26.21 34.31 5.57
C GLU D 132 -26.24 32.76 5.57
N ASP D 133 -27.33 32.18 5.06
CA ASP D 133 -27.57 30.72 5.07
C ASP D 133 -27.12 30.10 3.76
N ASP D 134 -26.08 29.26 3.76
CA ASP D 134 -25.79 28.60 2.52
C ASP D 134 -26.24 27.14 2.57
N PRO D 135 -27.42 26.86 1.96
CA PRO D 135 -28.07 25.54 2.12
C PRO D 135 -27.11 24.42 1.70
N PHE D 136 -26.42 24.63 0.59
CA PHE D 136 -25.35 23.70 0.11
C PHE D 136 -24.16 23.48 1.07
N ARG D 137 -23.77 24.50 1.80
CA ARG D 137 -22.85 24.31 2.87
C ARG D 137 -23.35 23.23 3.85
N SER D 138 -24.65 23.27 4.19
CA SER D 138 -25.28 22.28 5.08
C SER D 138 -25.32 20.92 4.42
N LEU D 139 -25.68 20.89 3.14
CA LEU D 139 -25.61 19.64 2.41
C LEU D 139 -24.20 19.00 2.52
N ALA D 140 -23.18 19.82 2.22
CA ALA D 140 -21.79 19.45 2.26
C ALA D 140 -21.40 18.98 3.62
N GLY D 141 -21.84 19.65 4.68
CA GLY D 141 -21.60 19.13 6.02
C GLY D 141 -22.25 17.75 6.24
N ALA D 142 -23.49 17.57 5.80
CA ALA D 142 -24.16 16.29 6.04
C ALA D 142 -23.51 15.30 5.16
N LEU D 143 -23.03 15.73 3.98
CA LEU D 143 -22.37 14.77 3.08
C LEU D 143 -21.09 14.21 3.69
N ARG D 144 -20.26 15.09 4.23
CA ARG D 144 -19.04 14.58 4.82
C ARG D 144 -19.45 13.61 5.92
N MSE D 145 -20.50 13.94 6.68
CA MSE D 145 -20.83 13.14 7.86
C MSE D 145 -21.31 11.75 7.55
O MSE D 145 -21.09 10.85 8.34
CB MSE D 145 -21.82 13.87 8.74
CG MSE D 145 -21.15 14.55 9.90
SE MSE D 145 -22.28 15.97 10.62
CE MSE D 145 -21.88 15.74 12.59
N ALA D 146 -21.93 11.62 6.37
CA ALA D 146 -22.37 10.34 5.82
C ALA D 146 -21.21 9.50 5.30
N GLY D 147 -20.03 10.11 5.26
CA GLY D 147 -18.81 9.49 4.78
C GLY D 147 -18.72 9.48 3.28
N GLY D 148 -19.14 10.57 2.61
CA GLY D 148 -19.02 10.64 1.17
C GLY D 148 -17.70 11.26 0.72
N TYR D 149 -17.03 11.94 1.64
CA TYR D 149 -15.68 12.45 1.38
C TYR D 149 -15.10 12.64 2.71
N ALA D 150 -13.86 13.15 2.79
CA ALA D 150 -13.09 13.13 4.03
C ALA D 150 -12.50 14.50 4.44
N LYS D 151 -12.39 14.76 5.74
CA LYS D 151 -11.63 15.90 6.23
C LYS D 151 -10.21 15.83 5.72
N VAL D 152 -9.55 16.97 5.74
CA VAL D 152 -8.43 17.26 4.87
C VAL D 152 -7.85 18.57 5.39
N ILE D 153 -6.56 18.77 5.24
CA ILE D 153 -5.93 19.96 5.80
C ILE D 153 -6.27 21.29 5.06
N ILE D 154 -6.67 21.17 3.81
CA ILE D 154 -7.11 22.28 2.99
C ILE D 154 -8.29 23.12 3.59
N PRO D 155 -8.05 24.41 3.76
CA PRO D 155 -8.93 25.57 3.73
C PRO D 155 -10.29 25.42 3.00
N PHE D 156 -11.37 25.54 3.79
CA PHE D 156 -12.73 25.60 3.31
C PHE D 156 -13.21 24.48 2.41
N SER D 157 -12.70 23.27 2.62
CA SER D 157 -13.15 22.07 1.87
C SER D 157 -14.66 21.93 1.72
N GLU D 158 -15.38 22.10 2.84
CA GLU D 158 -16.81 21.88 2.81
C GLU D 158 -17.39 22.78 1.75
N PHE D 159 -16.86 24.01 1.71
CA PHE D 159 -17.26 24.98 0.74
C PHE D 159 -16.99 24.60 -0.67
N GLY D 160 -15.93 23.88 -0.90
CA GLY D 160 -15.60 23.55 -2.27
C GLY D 160 -16.59 22.53 -2.71
N TRP D 161 -17.00 21.67 -1.77
CA TRP D 161 -18.09 20.68 -2.00
C TRP D 161 -19.43 21.36 -2.07
N ALA D 162 -19.60 22.50 -1.38
CA ALA D 162 -20.89 23.13 -1.52
C ALA D 162 -20.94 23.57 -2.99
N ASP D 163 -19.90 24.27 -3.41
CA ASP D 163 -19.84 24.81 -4.76
CA ASP D 163 -19.78 24.78 -4.78
C ASP D 163 -19.99 23.74 -5.86
N PHE D 164 -19.58 22.50 -5.62
CA PHE D 164 -19.74 21.46 -6.63
C PHE D 164 -21.17 20.94 -6.68
N LEU D 165 -21.84 20.84 -5.53
CA LEU D 165 -23.24 20.37 -5.46
C LEU D 165 -24.24 21.45 -5.94
N ARG D 166 -23.96 22.68 -5.53
CA ARG D 166 -24.74 23.83 -5.97
C ARG D 166 -24.88 23.84 -7.49
N ARG D 167 -24.05 23.09 -8.21
CA ARG D 167 -24.04 23.21 -9.66
C ARG D 167 -24.85 22.12 -10.28
N ARG D 168 -25.22 21.13 -9.47
CA ARG D 168 -25.62 19.85 -10.00
C ARG D 168 -26.91 19.34 -9.36
N ILE D 169 -27.36 20.01 -8.31
CA ILE D 169 -28.62 19.62 -7.68
C ILE D 169 -29.50 20.85 -7.45
N ASP D 170 -30.65 20.93 -8.10
CA ASP D 170 -31.43 22.16 -7.98
C ASP D 170 -31.88 22.43 -6.51
N ARG D 171 -31.88 23.72 -6.13
CA ARG D 171 -32.22 24.22 -4.79
C ARG D 171 -33.50 23.58 -4.15
N ASP D 172 -34.51 23.32 -5.01
CA ASP D 172 -35.81 22.79 -4.54
C ASP D 172 -35.76 21.52 -3.71
N LEU D 173 -34.73 20.66 -4.15
CA LEU D 173 -34.57 19.32 -3.57
C LEU D 173 -34.00 19.45 -2.17
N LEU D 174 -33.36 20.68 -1.95
CA LEU D 174 -32.73 20.86 -0.66
C LEU D 174 -33.75 21.31 0.37
N SER D 175 -34.50 22.37 0.01
CA SER D 175 -35.43 22.90 1.00
C SER D 175 -36.57 21.91 1.28
N ASP D 176 -37.09 21.32 0.21
CA ASP D 176 -38.30 20.46 0.32
C ASP D 176 -38.05 18.98 0.50
N SER D 177 -36.78 18.59 0.76
CA SER D 177 -36.49 17.17 1.01
C SER D 177 -34.96 16.91 1.14
N PHE D 178 -34.53 17.05 2.38
CA PHE D 178 -33.15 16.96 2.67
C PHE D 178 -32.47 15.69 2.23
N ASP D 179 -33.19 14.58 2.24
CA ASP D 179 -32.51 13.30 2.17
C ASP D 179 -32.36 12.68 0.81
N ASP D 180 -33.39 12.83 -0.01
CA ASP D 180 -33.24 12.80 -1.47
C ASP D 180 -32.00 13.61 -1.83
N ALA D 181 -31.94 14.84 -1.34
CA ALA D 181 -30.79 15.70 -1.58
C ALA D 181 -29.46 15.04 -1.12
N LEU D 182 -29.46 14.55 0.12
CA LEU D 182 -28.29 13.86 0.66
C LEU D 182 -27.96 12.72 -0.22
N ALA D 183 -28.98 12.04 -0.73
CA ALA D 183 -28.71 10.79 -1.44
C ALA D 183 -28.16 11.06 -2.82
N GLU D 184 -28.63 12.12 -3.47
CA GLU D 184 -28.21 12.39 -4.84
C GLU D 184 -26.79 12.83 -4.78
N ALA D 185 -26.46 13.38 -3.62
CA ALA D 185 -25.15 13.92 -3.33
C ALA D 185 -24.11 12.84 -3.17
N MSE D 186 -24.60 11.70 -2.70
CA MSE D 186 -23.77 10.63 -2.37
C MSE D 186 -23.35 9.92 -3.65
O MSE D 186 -22.18 9.81 -3.96
CB MSE D 186 -24.50 9.73 -1.39
CG MSE D 186 -23.90 9.77 0.03
SE MSE D 186 -22.00 8.97 0.08
CE MSE D 186 -22.40 7.01 -0.10
N LYS D 187 -24.32 9.48 -4.43
CA LYS D 187 -24.02 8.98 -5.77
C LYS D 187 -22.99 9.87 -6.52
N LEU D 188 -23.20 11.18 -6.43
CA LEU D 188 -22.25 12.18 -6.97
C LEU D 188 -20.84 12.16 -6.36
N ALA D 189 -20.74 12.09 -5.03
CA ALA D 189 -19.45 12.21 -4.41
C ALA D 189 -18.58 10.99 -4.68
N LYS D 190 -19.17 9.90 -5.15
CA LYS D 190 -18.48 8.65 -5.45
C LYS D 190 -18.08 8.54 -6.92
N SER D 191 -18.75 9.32 -7.76
CA SER D 191 -18.52 9.27 -9.20
C SER D 191 -17.16 9.85 -9.65
N ARG D 192 -16.77 9.57 -10.90
CA ARG D 192 -15.61 10.18 -11.54
C ARG D 192 -15.70 11.72 -11.56
N GLU D 193 -16.90 12.21 -11.78
CA GLU D 193 -17.19 13.63 -11.74
C GLU D 193 -16.60 14.42 -10.53
N ALA D 194 -16.47 13.80 -9.35
CA ALA D 194 -16.00 14.55 -8.19
C ALA D 194 -14.53 14.32 -7.90
N ARG D 195 -13.87 13.48 -8.68
CA ARG D 195 -12.47 13.19 -8.48
C ARG D 195 -11.57 14.35 -8.09
N HIS D 196 -11.93 15.57 -8.45
CA HIS D 196 -10.96 16.67 -8.29
C HIS D 196 -11.11 17.38 -6.92
N LEU D 197 -12.13 16.97 -6.19
CA LEU D 197 -12.39 17.59 -4.94
C LEU D 197 -11.47 16.99 -3.92
N PRO D 198 -11.10 17.83 -2.89
CA PRO D 198 -10.26 17.39 -1.75
C PRO D 198 -11.12 16.43 -0.95
N GLY D 199 -10.54 15.33 -0.52
CA GLY D 199 -11.25 14.35 0.23
C GLY D 199 -11.89 13.32 -0.66
N TRP D 200 -11.87 13.45 -1.96
CA TRP D 200 -12.58 12.47 -2.78
C TRP D 200 -12.19 11.05 -2.44
N CYS D 201 -13.15 10.17 -2.54
CA CYS D 201 -13.08 8.87 -1.88
C CYS D 201 -13.76 7.84 -2.73
N GLY D 202 -14.02 8.08 -3.98
CA GLY D 202 -14.68 7.09 -4.78
C GLY D 202 -13.76 6.05 -5.32
N VAL D 203 -14.26 5.19 -6.19
CA VAL D 203 -13.45 4.10 -6.76
C VAL D 203 -12.60 4.66 -7.90
N GLU D 204 -11.34 4.25 -7.96
CA GLU D 204 -10.33 4.90 -8.79
C GLU D 204 -10.36 4.28 -10.19
N PRO E 7 -27.28 -40.20 -15.57
CA PRO E 7 -27.39 -39.66 -14.21
C PRO E 7 -28.49 -38.55 -14.09
N ARG E 8 -29.45 -38.59 -13.15
CA ARG E 8 -29.53 -39.28 -11.80
C ARG E 8 -28.81 -38.36 -10.78
N LEU E 9 -29.53 -37.35 -10.33
CA LEU E 9 -28.88 -36.32 -9.60
C LEU E 9 -28.69 -36.51 -8.10
N SER E 10 -29.27 -35.59 -7.32
CA SER E 10 -28.97 -35.34 -5.89
C SER E 10 -28.44 -33.94 -5.69
N ARG E 11 -28.61 -33.40 -4.50
CA ARG E 11 -28.31 -32.02 -4.19
C ARG E 11 -27.79 -32.14 -2.79
N ILE E 12 -26.51 -31.85 -2.56
CA ILE E 12 -25.94 -32.08 -1.23
C ILE E 12 -25.21 -30.79 -0.76
N ALA E 13 -25.23 -30.52 0.54
CA ALA E 13 -24.58 -29.32 1.08
C ALA E 13 -23.08 -29.49 1.04
N ILE E 14 -22.39 -28.46 0.54
CA ILE E 14 -20.93 -28.48 0.44
C ILE E 14 -20.28 -28.88 1.76
N ASP E 15 -20.76 -28.36 2.90
CA ASP E 15 -20.04 -28.66 4.15
C ASP E 15 -20.36 -30.06 4.67
N LYS E 16 -20.97 -30.88 3.83
CA LYS E 16 -21.15 -32.26 4.18
C LYS E 16 -20.33 -33.12 3.25
N LEU E 17 -19.80 -32.52 2.19
CA LEU E 17 -18.95 -33.24 1.24
C LEU E 17 -17.65 -33.62 1.90
N ARG E 18 -17.27 -34.88 1.83
CA ARG E 18 -15.94 -35.25 2.33
C ARG E 18 -14.86 -35.13 1.24
N PRO E 19 -13.76 -34.37 1.51
CA PRO E 19 -12.64 -34.32 0.54
C PRO E 19 -11.98 -35.66 0.30
N THR E 20 -10.94 -35.67 -0.50
CA THR E 20 -10.39 -36.84 -1.09
C THR E 20 -8.96 -36.48 -1.43
N GLN E 21 -8.59 -35.22 -1.21
CA GLN E 21 -7.16 -34.76 -1.34
C GLN E 21 -6.91 -33.79 -0.16
N ILE E 22 -5.64 -33.44 0.07
CA ILE E 22 -5.23 -32.59 1.19
C ILE E 22 -5.01 -31.15 0.74
N ALA E 23 -4.81 -30.93 -0.56
CA ALA E 23 -4.33 -29.62 -1.00
C ALA E 23 -4.97 -29.17 -2.33
N VAL E 24 -5.07 -27.85 -2.49
CA VAL E 24 -5.43 -27.23 -3.77
C VAL E 24 -4.64 -25.96 -4.01
N GLY E 25 -4.43 -25.57 -5.27
CA GLY E 25 -3.85 -24.26 -5.61
C GLY E 25 -4.88 -23.22 -5.19
N PHE E 26 -4.69 -22.57 -4.02
CA PHE E 26 -5.58 -21.48 -3.61
C PHE E 26 -5.68 -20.45 -4.71
N ARG E 27 -4.62 -20.19 -5.48
CA ARG E 27 -4.72 -19.14 -6.50
C ARG E 27 -5.73 -19.55 -7.56
N GLU E 28 -5.73 -20.85 -7.90
CA GLU E 28 -6.73 -21.40 -8.82
C GLU E 28 -8.19 -21.14 -8.31
N VAL E 29 -8.36 -21.18 -6.97
CA VAL E 29 -9.66 -21.01 -6.32
C VAL E 29 -10.05 -19.58 -6.47
N GLU E 30 -9.12 -18.66 -6.32
CA GLU E 30 -9.52 -17.26 -6.35
C GLU E 30 -9.98 -16.85 -7.74
N LEU E 31 -9.31 -17.36 -8.79
CA LEU E 31 -9.75 -17.13 -10.15
C LEU E 31 -11.14 -17.70 -10.32
N LYS E 32 -11.40 -18.91 -9.83
CA LYS E 32 -12.78 -19.43 -9.91
C LYS E 32 -13.80 -18.51 -9.22
N ARG E 33 -13.52 -18.04 -8.02
CA ARG E 33 -14.37 -17.04 -7.41
C ARG E 33 -14.66 -15.87 -8.36
N LYS E 34 -13.61 -15.21 -8.85
CA LYS E 34 -13.74 -14.07 -9.75
C LYS E 34 -14.73 -14.36 -10.87
N GLU E 35 -14.55 -15.53 -11.52
CA GLU E 35 -15.46 -16.07 -12.52
C GLU E 35 -16.88 -16.28 -12.04
N TRP E 36 -17.04 -16.92 -10.88
CA TRP E 36 -18.36 -17.05 -10.30
C TRP E 36 -18.93 -15.68 -9.82
N ARG E 37 -18.12 -14.63 -9.70
CA ARG E 37 -18.69 -13.37 -9.19
C ARG E 37 -19.58 -12.62 -10.19
N GLU E 38 -19.01 -12.10 -11.27
CA GLU E 38 -19.85 -11.53 -12.37
C GLU E 38 -20.14 -12.62 -13.42
N THR E 39 -21.25 -13.34 -13.18
CA THR E 39 -21.72 -14.49 -13.97
C THR E 39 -23.22 -14.69 -13.77
N ASN E 50 -26.56 -24.57 -13.05
CA ASN E 50 -25.76 -24.71 -11.85
C ASN E 50 -24.50 -25.52 -12.06
N HIS E 51 -24.14 -26.33 -11.07
CA HIS E 51 -22.89 -27.08 -11.07
C HIS E 51 -23.11 -28.49 -10.61
N ILE E 52 -22.67 -29.49 -11.37
CA ILE E 52 -22.62 -30.83 -10.76
C ILE E 52 -21.22 -31.22 -10.58
N VAL E 53 -21.00 -32.00 -9.54
CA VAL E 53 -19.72 -32.44 -9.12
C VAL E 53 -19.84 -33.96 -8.90
N PRO E 54 -18.79 -34.72 -9.24
CA PRO E 54 -19.06 -36.13 -9.12
C PRO E 54 -18.77 -36.59 -7.69
N VAL E 55 -19.49 -37.60 -7.24
CA VAL E 55 -19.39 -38.01 -5.85
C VAL E 55 -19.33 -39.54 -5.66
N VAL E 56 -18.66 -39.98 -4.60
CA VAL E 56 -18.71 -41.40 -4.26
C VAL E 56 -19.46 -41.63 -2.89
N ALA E 57 -20.44 -42.56 -2.89
CA ALA E 57 -21.07 -42.86 -1.60
C ALA E 57 -20.13 -43.74 -0.76
N GLY E 58 -19.84 -43.26 0.44
CA GLY E 58 -18.95 -43.94 1.34
C GLY E 58 -19.65 -44.45 2.59
N PRO E 59 -18.87 -44.72 3.66
CA PRO E 59 -19.50 -45.27 4.87
C PRO E 59 -20.30 -44.19 5.66
N LYS E 60 -21.15 -44.62 6.63
CA LYS E 60 -22.28 -43.79 7.16
C LYS E 60 -23.01 -43.28 5.92
N ASP E 61 -23.78 -42.22 5.97
CA ASP E 61 -24.17 -41.84 4.62
C ASP E 61 -23.29 -40.88 3.86
N ARG E 62 -21.99 -41.10 3.97
CA ARG E 62 -21.09 -40.06 3.61
C ARG E 62 -20.78 -39.99 2.12
N ALA E 63 -20.89 -38.78 1.58
CA ALA E 63 -20.50 -38.47 0.19
C ALA E 63 -19.06 -37.94 0.06
N TYR E 64 -18.38 -38.41 -0.97
CA TYR E 64 -16.99 -38.17 -1.11
C TYR E 64 -16.74 -37.50 -2.45
N LEU E 65 -16.18 -36.32 -2.40
CA LEU E 65 -15.86 -35.52 -3.60
C LEU E 65 -14.73 -36.08 -4.46
N ILE E 66 -14.95 -36.34 -5.76
CA ILE E 66 -13.81 -36.62 -6.62
C ILE E 66 -13.53 -35.45 -7.56
N ASP E 67 -12.46 -34.72 -7.33
CA ASP E 67 -12.18 -33.73 -8.30
C ASP E 67 -13.08 -32.59 -8.06
N HIS E 68 -12.85 -31.58 -8.87
CA HIS E 68 -13.46 -30.31 -8.78
C HIS E 68 -13.35 -29.83 -7.33
N HIS E 69 -12.30 -30.23 -6.62
CA HIS E 69 -12.07 -29.58 -5.32
C HIS E 69 -11.87 -28.01 -5.38
N HIS E 70 -11.15 -27.53 -6.41
CA HIS E 70 -10.94 -26.09 -6.60
C HIS E 70 -12.29 -25.36 -6.61
N LEU E 71 -13.12 -25.75 -7.55
CA LEU E 71 -14.51 -25.34 -7.62
C LEU E 71 -15.33 -25.39 -6.35
N VAL E 72 -15.27 -26.51 -5.65
CA VAL E 72 -16.15 -26.63 -4.48
C VAL E 72 -15.70 -25.69 -3.41
N LEU E 73 -14.38 -25.55 -3.27
CA LEU E 73 -13.87 -24.55 -2.36
C LEU E 73 -14.32 -23.14 -2.77
N ALA E 74 -14.18 -22.78 -4.03
CA ALA E 74 -14.61 -21.48 -4.55
C ALA E 74 -16.06 -21.22 -4.13
N LEU E 75 -16.92 -22.21 -4.41
CA LEU E 75 -18.35 -22.06 -4.17
C LEU E 75 -18.55 -21.89 -2.71
N SER E 76 -17.83 -22.66 -1.93
CA SER E 76 -18.00 -22.61 -0.49
C SER E 76 -17.70 -21.22 0.04
N LYS E 77 -16.61 -20.66 -0.50
CA LYS E 77 -16.04 -19.45 -0.01
C LYS E 77 -16.93 -18.33 -0.50
N GLU E 78 -17.82 -18.64 -1.45
CA GLU E 78 -18.77 -17.60 -1.97
C GLU E 78 -20.16 -17.69 -1.39
N GLY E 79 -20.27 -18.38 -0.26
CA GLY E 79 -21.55 -18.61 0.40
C GLY E 79 -22.36 -19.79 -0.15
N VAL E 80 -22.09 -20.28 -1.36
CA VAL E 80 -23.00 -21.25 -2.02
C VAL E 80 -23.12 -22.47 -1.11
N GLU E 81 -24.34 -22.74 -0.64
CA GLU E 81 -24.58 -23.73 0.42
C GLU E 81 -24.65 -25.16 -0.10
N HIS E 82 -25.23 -25.33 -1.29
CA HIS E 82 -25.46 -26.66 -1.83
C HIS E 82 -24.80 -26.84 -3.19
N VAL E 83 -24.70 -28.08 -3.67
CA VAL E 83 -24.29 -28.32 -5.05
C VAL E 83 -24.93 -29.60 -5.57
N LEU E 84 -25.19 -29.66 -6.87
CA LEU E 84 -25.75 -30.89 -7.50
C LEU E 84 -24.69 -32.00 -7.60
N THR E 85 -25.11 -33.24 -7.45
CA THR E 85 -24.11 -34.30 -7.43
C THR E 85 -24.53 -35.60 -8.05
N SER E 86 -23.55 -36.17 -8.73
CA SER E 86 -23.70 -37.38 -9.43
C SER E 86 -22.80 -38.47 -8.81
N GLU E 87 -23.45 -39.51 -8.30
CA GLU E 87 -22.80 -40.70 -7.73
C GLU E 87 -22.21 -41.52 -8.87
N VAL E 88 -20.92 -41.76 -8.82
CA VAL E 88 -20.25 -42.47 -9.87
C VAL E 88 -19.89 -43.84 -9.35
N ALA E 89 -19.82 -43.94 -8.02
CA ALA E 89 -19.70 -45.23 -7.38
C ALA E 89 -20.35 -45.25 -5.99
N LYS E 90 -20.60 -46.47 -5.53
CA LYS E 90 -21.30 -46.70 -4.30
C LYS E 90 -20.48 -47.69 -3.47
N PHE E 91 -19.90 -47.21 -2.35
CA PHE E 91 -19.12 -48.03 -1.41
C PHE E 91 -19.63 -48.17 0.04
N SER E 92 -20.91 -47.81 0.25
CA SER E 92 -21.62 -47.87 1.54
C SER E 92 -21.27 -49.12 2.32
N HIS E 93 -21.36 -50.27 1.66
CA HIS E 93 -21.25 -51.55 2.33
C HIS E 93 -19.87 -51.88 2.95
N LEU E 94 -19.01 -50.88 3.16
CA LEU E 94 -17.66 -51.12 3.69
C LEU E 94 -17.23 -50.31 4.92
N GLY E 95 -16.45 -50.98 5.78
CA GLY E 95 -15.84 -50.34 6.94
C GLY E 95 -14.79 -49.35 6.50
N LYS E 96 -14.61 -48.29 7.29
CA LYS E 96 -13.57 -47.26 7.05
C LYS E 96 -12.39 -47.88 6.27
N ASP E 97 -11.81 -48.85 6.95
CA ASP E 97 -10.53 -49.41 6.67
C ASP E 97 -10.52 -49.85 5.24
N GLU E 98 -11.44 -50.75 4.90
CA GLU E 98 -11.54 -51.26 3.53
C GLU E 98 -11.88 -50.15 2.52
N PHE E 99 -12.78 -49.26 2.89
CA PHE E 99 -13.18 -48.21 2.01
C PHE E 99 -11.94 -47.48 1.52
N TRP E 100 -11.02 -47.17 2.42
CA TRP E 100 -9.93 -46.31 2.00
C TRP E 100 -9.02 -46.99 1.01
N SER E 101 -8.74 -48.26 1.31
CA SER E 101 -7.78 -49.06 0.58
C SER E 101 -8.20 -49.16 -0.87
N VAL E 102 -9.52 -49.34 -1.02
CA VAL E 102 -10.17 -49.42 -2.30
C VAL E 102 -10.12 -48.07 -2.97
N MSE E 103 -10.35 -47.01 -2.20
CA MSE E 103 -10.30 -45.66 -2.79
C MSE E 103 -8.93 -45.41 -3.40
O MSE E 103 -8.75 -45.11 -4.59
CB MSE E 103 -10.61 -44.63 -1.71
CG MSE E 103 -12.08 -44.56 -1.30
SE MSE E 103 -13.25 -43.83 -2.73
CE MSE E 103 -12.89 -41.90 -2.53
N ASP E 104 -7.95 -45.64 -2.55
CA ASP E 104 -6.57 -45.74 -2.95
C ASP E 104 -6.41 -46.62 -4.19
N HIS E 105 -6.75 -47.90 -4.10
CA HIS E 105 -6.60 -48.84 -5.23
C HIS E 105 -7.10 -48.35 -6.58
N ARG E 106 -8.08 -47.43 -6.47
CA ARG E 106 -8.79 -46.86 -7.61
C ARG E 106 -8.33 -45.44 -7.98
N ASN E 107 -7.58 -44.79 -7.08
CA ASN E 107 -6.96 -43.50 -7.40
C ASN E 107 -7.96 -42.44 -7.36
N LEU E 108 -8.93 -42.67 -6.50
CA LEU E 108 -9.98 -41.71 -6.29
C LEU E 108 -9.59 -40.98 -5.02
N ILE E 109 -8.32 -41.06 -4.64
CA ILE E 109 -7.79 -40.22 -3.58
C ILE E 109 -6.39 -39.75 -3.94
N TYR E 110 -5.95 -38.67 -3.30
CA TYR E 110 -4.66 -38.11 -3.58
C TYR E 110 -4.13 -37.54 -2.25
N PRO E 111 -3.50 -38.39 -1.46
CA PRO E 111 -3.04 -38.03 -0.13
C PRO E 111 -1.63 -37.43 -0.17
N PHE E 112 -1.52 -36.22 -0.67
CA PHE E 112 -0.21 -35.53 -0.69
C PHE E 112 -0.33 -34.15 -0.14
N ASP E 113 0.50 -33.75 0.79
CA ASP E 113 0.24 -32.48 1.40
C ASP E 113 0.75 -31.40 0.46
N ALA E 114 0.77 -30.15 0.94
CA ALA E 114 1.16 -29.03 0.13
C ALA E 114 2.61 -29.11 -0.37
N GLN E 115 3.47 -29.84 0.30
CA GLN E 115 4.87 -29.89 -0.06
C GLN E 115 5.10 -31.07 -0.92
N GLY E 116 4.02 -31.81 -1.21
CA GLY E 116 4.09 -32.94 -2.09
C GLY E 116 4.40 -34.26 -1.41
N LEU E 117 4.49 -34.26 -0.08
CA LEU E 117 4.79 -35.49 0.67
C LEU E 117 3.59 -36.39 0.86
N ARG E 118 3.77 -37.69 0.66
CA ARG E 118 2.68 -38.60 0.81
C ARG E 118 2.23 -38.71 2.29
N ARG E 119 0.93 -38.92 2.50
CA ARG E 119 0.39 -39.03 3.86
C ARG E 119 -0.59 -40.19 4.07
N GLN E 120 -0.70 -40.60 5.33
CA GLN E 120 -1.72 -41.56 5.72
C GLN E 120 -3.07 -40.91 5.30
N SER E 121 -3.96 -41.73 4.75
CA SER E 121 -5.43 -41.52 4.68
C SER E 121 -6.10 -40.71 5.80
N GLY E 122 -5.75 -40.99 7.06
CA GLY E 122 -6.27 -40.17 8.16
C GLY E 122 -5.83 -38.70 8.14
N ASP E 123 -5.08 -38.32 7.12
CA ASP E 123 -4.56 -36.98 7.02
C ASP E 123 -5.34 -36.13 6.07
N ILE E 124 -6.31 -36.78 5.40
CA ILE E 124 -7.20 -36.14 4.42
C ILE E 124 -8.27 -35.39 5.18
N PRO E 125 -8.37 -34.09 4.98
CA PRO E 125 -9.28 -33.33 5.86
C PRO E 125 -10.75 -33.71 5.62
N LYS E 126 -11.59 -33.54 6.63
CA LYS E 126 -13.00 -33.94 6.54
C LYS E 126 -13.85 -32.80 5.98
N ASN E 127 -13.34 -31.55 6.06
CA ASN E 127 -14.10 -30.38 5.70
C ASN E 127 -13.44 -29.85 4.57
N ILE E 128 -14.24 -29.35 3.66
CA ILE E 128 -13.69 -28.62 2.53
C ILE E 128 -12.82 -27.48 3.04
N HIS E 129 -13.28 -26.75 4.05
CA HIS E 129 -12.53 -25.57 4.56
C HIS E 129 -11.13 -25.93 5.03
N ASP E 130 -10.79 -27.22 5.13
CA ASP E 130 -9.46 -27.52 5.63
C ASP E 130 -8.47 -28.01 4.62
N LEU E 131 -8.72 -27.81 3.33
CA LEU E 131 -7.71 -28.07 2.35
C LEU E 131 -6.50 -27.15 2.48
N GLU E 132 -5.31 -27.69 2.39
CA GLU E 132 -4.07 -26.91 2.38
C GLU E 132 -3.80 -26.24 1.01
N ASP E 133 -3.14 -25.08 0.99
CA ASP E 133 -2.75 -24.44 -0.26
C ASP E 133 -1.56 -25.16 -0.89
N ASP E 134 -1.64 -25.56 -2.15
CA ASP E 134 -0.41 -25.95 -2.83
C ASP E 134 -0.07 -24.95 -3.95
N PRO E 135 0.80 -23.97 -3.64
CA PRO E 135 0.99 -22.98 -4.72
C PRO E 135 1.56 -23.56 -6.02
N PHE E 136 2.32 -24.65 -6.01
CA PHE E 136 2.83 -25.20 -7.30
C PHE E 136 1.74 -25.87 -8.14
N ARG E 137 0.72 -26.35 -7.44
CA ARG E 137 -0.49 -26.78 -8.07
C ARG E 137 -1.18 -25.57 -8.74
N SER E 138 -1.19 -24.39 -8.12
CA SER E 138 -1.67 -23.26 -8.89
C SER E 138 -0.79 -23.04 -10.14
N LEU E 139 0.54 -23.17 -9.98
CA LEU E 139 1.40 -22.85 -11.06
C LEU E 139 1.19 -23.82 -12.23
N ALA E 140 1.06 -25.08 -11.89
CA ALA E 140 0.89 -26.10 -12.86
C ALA E 140 -0.41 -25.81 -13.59
N GLY E 141 -1.44 -25.39 -12.87
CA GLY E 141 -2.63 -25.02 -13.57
C GLY E 141 -2.43 -23.86 -14.55
N ALA E 142 -1.77 -22.80 -14.09
CA ALA E 142 -1.57 -21.63 -14.89
C ALA E 142 -0.76 -22.04 -16.13
N LEU E 143 0.13 -23.01 -15.97
CA LEU E 143 1.04 -23.41 -17.01
C LEU E 143 0.27 -24.02 -18.11
N ARG E 144 -0.61 -24.98 -17.78
CA ARG E 144 -1.47 -25.64 -18.79
C ARG E 144 -2.26 -24.58 -19.50
N MSE E 145 -2.84 -23.68 -18.77
CA MSE E 145 -3.57 -22.69 -19.50
C MSE E 145 -2.70 -21.78 -20.32
O MSE E 145 -3.20 -21.11 -21.21
CB MSE E 145 -4.41 -21.86 -18.59
CG MSE E 145 -5.60 -22.62 -18.14
SE MSE E 145 -6.21 -21.61 -16.57
CE MSE E 145 -7.69 -20.47 -17.40
N ALA E 146 -1.39 -21.77 -20.10
CA ALA E 146 -0.68 -20.83 -20.92
C ALA E 146 -0.24 -21.60 -22.14
N GLY E 147 -0.63 -22.88 -22.18
CA GLY E 147 -0.12 -23.80 -23.21
C GLY E 147 1.28 -24.40 -22.97
N GLY E 148 1.57 -24.77 -21.76
CA GLY E 148 2.85 -25.40 -21.60
C GLY E 148 2.79 -26.90 -21.66
N TYR E 149 1.59 -27.47 -21.69
CA TYR E 149 1.39 -28.86 -22.06
C TYR E 149 -0.11 -29.18 -22.27
N ALA E 150 -0.43 -30.42 -22.70
CA ALA E 150 -1.72 -30.75 -23.26
C ALA E 150 -2.61 -31.36 -22.19
N LYS E 151 -3.93 -31.16 -22.27
CA LYS E 151 -4.87 -31.91 -21.46
C LYS E 151 -4.72 -33.36 -21.91
N VAL E 152 -4.79 -34.30 -21.01
CA VAL E 152 -4.45 -35.66 -21.35
C VAL E 152 -5.24 -36.45 -20.36
N ILE E 153 -5.59 -37.69 -20.63
CA ILE E 153 -6.53 -38.33 -19.66
C ILE E 153 -5.94 -39.07 -18.42
N ILE E 154 -4.66 -39.38 -18.36
CA ILE E 154 -3.94 -39.61 -17.08
C ILE E 154 -4.53 -38.82 -15.86
N PRO E 155 -5.04 -39.50 -14.84
CA PRO E 155 -5.31 -38.80 -13.54
C PRO E 155 -4.16 -37.93 -12.85
N PHE E 156 -4.49 -36.71 -12.39
CA PHE E 156 -3.61 -35.89 -11.52
C PHE E 156 -2.32 -35.49 -12.19
N SER E 157 -2.33 -35.69 -13.48
CA SER E 157 -1.59 -34.85 -14.39
C SER E 157 -1.11 -33.48 -13.81
N GLU E 158 -2.01 -32.59 -13.39
CA GLU E 158 -1.50 -31.30 -12.91
C GLU E 158 -0.63 -31.49 -11.71
N PHE E 159 -0.92 -32.50 -10.92
CA PHE E 159 -0.09 -32.71 -9.74
C PHE E 159 1.32 -33.21 -10.06
N GLY E 160 1.44 -34.07 -11.09
CA GLY E 160 2.72 -34.44 -11.70
C GLY E 160 3.51 -33.20 -12.14
N TRP E 161 2.92 -32.32 -12.96
CA TRP E 161 3.61 -31.06 -13.18
C TRP E 161 3.91 -30.30 -11.88
N ALA E 162 2.96 -30.20 -10.95
CA ALA E 162 3.25 -29.38 -9.76
C ALA E 162 4.47 -29.95 -9.07
N ASP E 163 4.59 -31.27 -9.12
CA ASP E 163 5.73 -31.86 -8.48
C ASP E 163 7.05 -31.66 -9.19
N PHE E 164 7.05 -31.60 -10.51
CA PHE E 164 8.17 -31.29 -11.30
C PHE E 164 8.62 -29.83 -11.01
N LEU E 165 7.67 -28.88 -10.99
CA LEU E 165 8.00 -27.48 -10.82
C LEU E 165 8.55 -27.23 -9.47
N ARG E 166 7.88 -27.79 -8.49
CA ARG E 166 8.29 -27.74 -7.05
C ARG E 166 9.76 -28.09 -6.82
N ARG E 167 10.39 -28.87 -7.70
CA ARG E 167 11.78 -29.24 -7.47
C ARG E 167 12.73 -28.20 -8.07
N ARG E 168 12.18 -27.27 -8.84
CA ARG E 168 13.00 -26.54 -9.77
C ARG E 168 12.82 -25.03 -9.76
N ILE E 169 11.65 -24.54 -9.30
CA ILE E 169 11.41 -23.12 -9.24
C ILE E 169 11.47 -22.63 -7.80
N ASP E 170 12.23 -21.62 -7.47
CA ASP E 170 12.17 -21.28 -6.07
C ASP E 170 10.75 -20.81 -5.63
N ARG E 171 10.31 -21.27 -4.46
CA ARG E 171 9.06 -20.84 -3.79
C ARG E 171 8.85 -19.33 -3.64
N ASP E 172 9.96 -18.60 -3.44
CA ASP E 172 9.92 -17.11 -3.29
C ASP E 172 9.54 -16.43 -4.58
N LEU E 173 10.17 -16.84 -5.70
CA LEU E 173 9.79 -16.36 -7.01
C LEU E 173 8.28 -16.50 -7.15
N LEU E 174 7.75 -17.61 -6.75
CA LEU E 174 6.34 -17.87 -6.91
C LEU E 174 5.51 -16.84 -6.19
N SER E 175 6.02 -16.47 -5.05
CA SER E 175 5.32 -15.60 -4.19
C SER E 175 5.64 -14.15 -4.65
N ASP E 176 6.86 -13.85 -5.11
CA ASP E 176 7.24 -12.47 -5.48
C ASP E 176 6.70 -12.05 -6.78
N SER E 177 6.57 -13.04 -7.68
CA SER E 177 6.10 -12.79 -8.99
C SER E 177 5.51 -14.03 -9.65
N PHE E 178 4.18 -14.14 -9.74
CA PHE E 178 3.65 -15.40 -10.22
C PHE E 178 4.04 -15.48 -11.70
N ASP E 179 3.96 -14.32 -12.38
CA ASP E 179 4.21 -14.30 -13.80
C ASP E 179 5.63 -14.64 -14.13
N ASP E 180 6.55 -14.18 -13.29
CA ASP E 180 7.93 -14.63 -13.42
C ASP E 180 8.04 -16.13 -13.23
N ALA E 181 7.35 -16.68 -12.21
CA ALA E 181 7.45 -18.15 -12.04
C ALA E 181 6.74 -18.88 -13.18
N LEU E 182 5.69 -18.27 -13.74
CA LEU E 182 5.06 -18.92 -14.88
C LEU E 182 6.06 -18.98 -16.05
N ALA E 183 6.90 -17.95 -16.17
CA ALA E 183 7.76 -17.87 -17.37
C ALA E 183 8.91 -18.85 -17.18
N GLU E 184 9.35 -19.09 -15.95
CA GLU E 184 10.38 -20.07 -15.77
C GLU E 184 9.77 -21.40 -16.05
N ALA E 185 8.55 -21.64 -15.54
CA ALA E 185 7.80 -22.83 -15.86
C ALA E 185 7.60 -23.11 -17.34
N MSE E 186 7.21 -22.10 -18.12
CA MSE E 186 7.16 -22.21 -19.55
C MSE E 186 8.47 -22.72 -20.03
O MSE E 186 8.52 -23.64 -20.82
CB MSE E 186 6.88 -20.85 -20.21
CG MSE E 186 5.48 -20.55 -20.70
SE MSE E 186 4.80 -22.19 -21.64
CE MSE E 186 5.73 -22.04 -23.43
N LYS E 187 9.57 -22.15 -19.54
CA LYS E 187 10.89 -22.47 -20.06
C LYS E 187 11.23 -24.00 -19.75
N LEU E 188 11.11 -24.40 -18.49
CA LEU E 188 11.18 -25.78 -18.13
C LEU E 188 10.29 -26.64 -19.02
N ALA E 189 9.05 -26.22 -19.25
CA ALA E 189 8.06 -27.08 -19.89
C ALA E 189 8.41 -27.55 -21.27
N LYS E 190 9.02 -26.67 -22.05
CA LYS E 190 9.41 -26.93 -23.43
C LYS E 190 10.71 -27.69 -23.48
N SER E 191 11.43 -27.72 -22.34
CA SER E 191 12.80 -28.22 -22.35
C SER E 191 12.70 -29.73 -22.36
N ARG E 192 13.82 -30.39 -22.62
CA ARG E 192 13.86 -31.82 -22.50
C ARG E 192 13.69 -32.33 -21.06
N GLU E 193 13.97 -31.54 -20.04
CA GLU E 193 13.85 -31.98 -18.67
C GLU E 193 12.42 -32.57 -18.47
N ALA E 194 11.44 -32.04 -19.19
CA ALA E 194 10.15 -32.47 -18.88
C ALA E 194 9.55 -33.59 -19.76
N ARG E 195 10.32 -34.13 -20.70
CA ARG E 195 9.76 -35.17 -21.57
C ARG E 195 8.96 -36.35 -20.91
N HIS E 196 9.13 -36.68 -19.66
CA HIS E 196 8.41 -37.82 -19.04
C HIS E 196 6.98 -37.45 -18.49
N LEU E 197 6.58 -36.18 -18.66
CA LEU E 197 5.38 -35.68 -18.04
C LEU E 197 4.18 -35.79 -18.94
N PRO E 198 2.99 -35.90 -18.36
CA PRO E 198 1.84 -36.09 -19.28
C PRO E 198 1.59 -34.86 -20.11
N GLY E 199 1.33 -35.00 -21.39
CA GLY E 199 0.96 -33.89 -22.18
C GLY E 199 2.15 -33.02 -22.63
N TRP E 200 3.39 -33.45 -22.40
CA TRP E 200 4.51 -32.65 -22.81
C TRP E 200 4.56 -32.48 -24.33
N CYS E 201 4.79 -31.29 -24.89
CA CYS E 201 5.44 -31.28 -26.19
C CYS E 201 6.60 -30.40 -26.36
N GLY E 202 7.64 -30.99 -26.96
CA GLY E 202 8.80 -30.31 -27.44
C GLY E 202 9.26 -31.35 -28.42
N VAL E 203 10.49 -31.18 -28.93
CA VAL E 203 11.10 -32.02 -29.96
C VAL E 203 11.49 -33.40 -29.46
N GLU E 204 11.29 -34.45 -30.26
CA GLU E 204 11.50 -35.86 -29.88
C GLU E 204 12.74 -36.40 -30.55
N GLU F 6 6.08 -49.67 -27.35
CA GLU F 6 7.43 -49.73 -28.06
C GLU F 6 7.85 -51.10 -28.65
N PRO F 7 8.17 -51.12 -29.95
CA PRO F 7 8.33 -52.35 -30.71
C PRO F 7 9.78 -52.91 -30.69
N ARG F 8 10.72 -52.08 -30.23
CA ARG F 8 12.13 -52.45 -30.17
C ARG F 8 12.44 -53.33 -28.96
N LEU F 9 12.82 -54.59 -29.22
CA LEU F 9 13.27 -55.50 -28.19
C LEU F 9 14.70 -55.22 -27.73
N SER F 10 15.08 -55.75 -26.57
CA SER F 10 16.49 -55.84 -26.21
C SER F 10 16.66 -56.85 -25.09
N ARG F 11 17.70 -57.68 -25.14
CA ARG F 11 17.93 -58.70 -24.10
C ARG F 11 18.47 -58.00 -22.87
N ILE F 12 17.83 -58.13 -21.72
CA ILE F 12 18.67 -58.02 -20.52
C ILE F 12 18.74 -59.33 -19.73
N ALA F 13 19.68 -59.41 -18.81
CA ALA F 13 19.85 -60.58 -17.95
C ALA F 13 18.75 -60.53 -16.91
N ILE F 14 17.95 -61.57 -16.79
CA ILE F 14 16.89 -61.51 -15.79
C ILE F 14 17.32 -60.91 -14.45
N ASP F 15 18.30 -61.48 -13.76
CA ASP F 15 18.62 -60.97 -12.42
C ASP F 15 19.14 -59.51 -12.33
N LYS F 16 19.11 -58.78 -13.46
CA LYS F 16 19.45 -57.34 -13.51
C LYS F 16 18.18 -56.51 -13.67
N LEU F 17 17.03 -57.16 -13.48
CA LEU F 17 15.76 -56.46 -13.48
C LEU F 17 15.42 -55.99 -12.07
N ARG F 18 15.07 -54.74 -11.91
CA ARG F 18 14.57 -54.31 -10.58
C ARG F 18 13.07 -54.50 -10.46
N PRO F 19 12.64 -55.25 -9.45
CA PRO F 19 11.25 -55.53 -9.17
C PRO F 19 10.52 -54.24 -8.99
N THR F 20 9.20 -54.31 -8.85
CA THR F 20 8.40 -53.10 -8.82
C THR F 20 7.25 -53.26 -7.84
N GLN F 21 7.28 -54.39 -7.14
CA GLN F 21 6.23 -54.81 -6.17
C GLN F 21 6.86 -55.59 -5.03
N ILE F 22 6.11 -55.97 -4.00
CA ILE F 22 6.75 -56.55 -2.83
C ILE F 22 6.40 -58.04 -2.70
N ALA F 23 5.26 -58.39 -3.25
CA ALA F 23 4.70 -59.72 -3.08
C ALA F 23 4.18 -60.21 -4.43
N VAL F 24 4.20 -61.52 -4.65
CA VAL F 24 3.65 -62.21 -5.81
C VAL F 24 2.96 -63.43 -5.26
N GLY F 25 2.13 -64.08 -6.06
CA GLY F 25 1.61 -65.41 -5.67
C GLY F 25 2.58 -66.57 -5.94
N PHE F 26 3.19 -67.13 -4.90
CA PHE F 26 4.18 -68.17 -5.12
C PHE F 26 3.55 -69.34 -5.80
N ARG F 27 2.24 -69.49 -5.61
CA ARG F 27 1.47 -70.60 -6.19
C ARG F 27 1.18 -70.38 -7.68
N GLU F 28 1.05 -69.10 -8.04
CA GLU F 28 0.91 -68.68 -9.44
C GLU F 28 2.25 -68.74 -10.17
N VAL F 29 3.34 -68.53 -9.43
CA VAL F 29 4.67 -68.69 -9.97
C VAL F 29 4.83 -70.14 -10.35
N GLU F 30 4.36 -71.01 -9.46
CA GLU F 30 4.44 -72.45 -9.63
C GLU F 30 3.76 -72.96 -10.89
N LEU F 31 2.58 -72.41 -11.21
CA LEU F 31 1.79 -72.88 -12.36
C LEU F 31 2.49 -72.59 -13.68
N LYS F 32 3.02 -71.37 -13.81
CA LYS F 32 3.81 -70.96 -14.96
C LYS F 32 5.08 -71.81 -15.15
N ARG F 33 5.77 -72.08 -14.03
CA ARG F 33 6.75 -73.16 -13.99
C ARG F 33 6.16 -74.30 -14.83
N LYS F 34 5.00 -74.81 -14.41
CA LYS F 34 4.34 -76.02 -14.99
C LYS F 34 3.99 -75.91 -16.50
N GLU F 35 3.35 -74.80 -16.86
CA GLU F 35 3.06 -74.44 -18.25
C GLU F 35 4.33 -74.41 -19.12
N TRP F 36 5.31 -73.58 -18.72
CA TRP F 36 6.62 -73.50 -19.39
C TRP F 36 7.45 -74.81 -19.30
N ARG F 37 7.49 -75.44 -18.12
CA ARG F 37 8.15 -76.76 -17.99
C ARG F 37 7.76 -77.66 -19.13
N GLU F 38 6.45 -77.90 -19.21
CA GLU F 38 5.95 -79.08 -19.93
C GLU F 38 5.59 -78.83 -21.39
N THR F 39 6.18 -77.78 -21.95
CA THR F 39 6.02 -77.50 -23.37
C THR F 39 7.32 -76.99 -23.99
N GLY F 49 12.02 -68.09 -30.66
CA GLY F 49 11.28 -67.06 -29.93
C GLY F 49 11.08 -67.34 -28.46
N ASN F 50 11.07 -66.27 -27.65
CA ASN F 50 11.01 -66.44 -26.19
C ASN F 50 9.90 -65.69 -25.43
N HIS F 51 10.29 -64.72 -24.60
CA HIS F 51 9.34 -64.04 -23.73
C HIS F 51 9.70 -62.60 -23.62
N ILE F 52 8.70 -61.74 -23.75
CA ILE F 52 8.94 -60.32 -23.67
C ILE F 52 8.31 -59.81 -22.41
N VAL F 53 8.78 -58.66 -21.95
CA VAL F 53 8.44 -58.19 -20.63
C VAL F 53 8.48 -56.67 -20.65
N PRO F 54 7.47 -56.00 -20.05
CA PRO F 54 7.55 -54.56 -20.16
C PRO F 54 8.50 -53.97 -19.07
N VAL F 55 9.15 -52.87 -19.41
CA VAL F 55 10.19 -52.38 -18.62
C VAL F 55 10.32 -50.88 -18.76
N VAL F 56 10.73 -50.25 -17.66
CA VAL F 56 11.02 -48.83 -17.61
C VAL F 56 12.51 -48.58 -17.38
N ALA F 57 13.06 -47.69 -18.22
CA ALA F 57 14.45 -47.29 -18.03
C ALA F 57 14.54 -46.32 -16.86
N GLY F 58 15.32 -46.69 -15.87
CA GLY F 58 15.44 -45.88 -14.67
C GLY F 58 16.77 -45.15 -14.66
N PRO F 59 17.05 -44.47 -13.56
CA PRO F 59 18.36 -43.85 -13.20
C PRO F 59 19.46 -44.89 -13.20
N LYS F 60 20.71 -44.39 -13.31
CA LYS F 60 21.86 -45.19 -13.82
C LYS F 60 21.32 -45.72 -15.15
N ASP F 61 21.39 -46.99 -15.43
CA ASP F 61 20.55 -47.42 -16.58
C ASP F 61 19.76 -48.66 -16.22
N ARG F 62 18.89 -48.53 -15.25
CA ARG F 62 18.41 -49.71 -14.65
C ARG F 62 17.07 -49.92 -15.24
N ALA F 63 16.78 -51.16 -15.54
CA ALA F 63 15.49 -51.53 -16.06
C ALA F 63 14.67 -52.01 -14.89
N TYR F 64 13.49 -51.40 -14.75
CA TYR F 64 12.48 -51.80 -13.77
C TYR F 64 11.34 -52.51 -14.46
N LEU F 65 10.95 -53.68 -13.93
CA LEU F 65 9.97 -54.54 -14.52
C LEU F 65 8.56 -54.04 -14.25
N ILE F 66 7.74 -54.01 -15.28
CA ILE F 66 6.48 -53.38 -15.07
C ILE F 66 5.49 -54.47 -14.77
N ASP F 67 5.20 -55.36 -15.69
CA ASP F 67 4.27 -56.36 -15.28
C ASP F 67 4.93 -57.56 -14.72
N HIS F 68 4.17 -58.65 -14.71
CA HIS F 68 4.71 -59.91 -15.07
C HIS F 68 5.78 -60.41 -14.15
N HIS F 69 5.65 -60.13 -12.86
CA HIS F 69 6.64 -60.66 -11.88
C HIS F 69 6.52 -62.14 -11.55
N HIS F 70 5.33 -62.69 -11.83
CA HIS F 70 5.07 -64.08 -11.65
C HIS F 70 5.95 -64.77 -12.66
N LEU F 71 5.76 -64.40 -13.93
CA LEU F 71 6.43 -65.04 -15.02
C LEU F 71 7.91 -64.92 -14.82
N VAL F 72 8.37 -63.72 -14.51
CA VAL F 72 9.80 -63.56 -14.52
C VAL F 72 10.40 -64.42 -13.46
N LEU F 73 9.86 -64.32 -12.24
CA LEU F 73 10.44 -65.13 -11.13
C LEU F 73 10.45 -66.61 -11.55
N ALA F 74 9.35 -67.08 -12.14
CA ALA F 74 9.28 -68.41 -12.72
C ALA F 74 10.43 -68.69 -13.74
N LEU F 75 10.65 -67.79 -14.69
CA LEU F 75 11.73 -67.93 -15.67
C LEU F 75 13.12 -68.01 -15.02
N SER F 76 13.31 -67.26 -13.94
CA SER F 76 14.57 -67.30 -13.22
C SER F 76 14.79 -68.69 -12.63
N LYS F 77 13.79 -69.16 -11.88
CA LYS F 77 13.85 -70.43 -11.14
C LYS F 77 14.21 -71.59 -12.02
N GLU F 78 13.53 -71.69 -13.15
CA GLU F 78 13.89 -72.68 -14.17
C GLU F 78 15.30 -72.41 -14.72
N GLY F 79 15.97 -71.38 -14.25
CA GLY F 79 17.31 -71.04 -14.74
C GLY F 79 17.42 -70.39 -16.11
N VAL F 80 16.34 -69.80 -16.64
CA VAL F 80 16.53 -68.99 -17.86
C VAL F 80 17.19 -67.73 -17.37
N GLU F 81 18.29 -67.33 -18.00
CA GLU F 81 19.07 -66.18 -17.48
C GLU F 81 18.76 -64.84 -18.14
N HIS F 82 18.18 -64.88 -19.33
CA HIS F 82 17.83 -63.69 -20.08
C HIS F 82 16.32 -63.64 -20.42
N VAL F 83 15.84 -62.48 -20.84
CA VAL F 83 14.48 -62.29 -21.26
C VAL F 83 14.48 -61.07 -22.20
N LEU F 84 13.70 -61.13 -23.26
CA LEU F 84 13.61 -59.96 -24.14
C LEU F 84 12.75 -58.92 -23.41
N THR F 85 13.06 -57.63 -23.57
CA THR F 85 12.34 -56.50 -22.90
C THR F 85 11.79 -55.46 -23.88
N SER F 86 10.66 -54.86 -23.54
CA SER F 86 10.12 -53.72 -24.28
C SER F 86 10.18 -52.49 -23.36
N GLU F 87 10.79 -51.42 -23.82
CA GLU F 87 11.06 -50.32 -22.92
C GLU F 87 9.94 -49.33 -23.04
N VAL F 88 9.00 -49.34 -22.09
CA VAL F 88 7.77 -48.56 -22.25
C VAL F 88 7.85 -47.10 -21.75
N ALA F 89 8.83 -46.80 -20.91
CA ALA F 89 9.12 -45.43 -20.55
C ALA F 89 10.60 -45.27 -20.12
N LYS F 90 11.12 -44.08 -20.41
CA LYS F 90 12.45 -43.64 -20.16
C LYS F 90 12.41 -42.51 -19.14
N PHE F 91 12.76 -42.89 -17.93
CA PHE F 91 13.01 -41.94 -16.86
C PHE F 91 14.50 -41.77 -16.50
N SER F 92 15.44 -42.28 -17.27
CA SER F 92 16.88 -42.17 -16.88
C SER F 92 17.39 -40.76 -16.55
N HIS F 93 16.65 -39.72 -16.91
CA HIS F 93 17.16 -38.38 -16.70
C HIS F 93 16.73 -37.86 -15.35
N LEU F 94 16.03 -38.66 -14.61
CA LEU F 94 15.66 -38.19 -13.31
C LEU F 94 16.65 -38.69 -12.24
N GLY F 95 16.76 -37.99 -11.10
CA GLY F 95 17.38 -38.55 -9.89
C GLY F 95 16.46 -39.48 -9.11
N LYS F 96 16.91 -40.02 -7.99
CA LYS F 96 16.25 -41.19 -7.38
C LYS F 96 14.96 -40.70 -6.81
N ASP F 97 15.06 -39.65 -6.00
CA ASP F 97 13.90 -39.15 -5.28
C ASP F 97 12.69 -38.86 -6.19
N GLU F 98 12.95 -38.15 -7.29
CA GLU F 98 11.93 -37.80 -8.26
C GLU F 98 11.53 -39.03 -9.01
N PHE F 99 12.49 -39.84 -9.38
CA PHE F 99 12.13 -41.08 -10.07
C PHE F 99 11.00 -41.85 -9.38
N TRP F 100 11.12 -42.09 -8.10
CA TRP F 100 10.13 -42.91 -7.45
C TRP F 100 8.86 -42.15 -7.32
N SER F 101 8.97 -40.86 -7.01
CA SER F 101 7.77 -40.02 -7.03
C SER F 101 6.99 -40.18 -8.34
N VAL F 102 7.66 -40.20 -9.48
CA VAL F 102 6.97 -40.31 -10.77
C VAL F 102 6.38 -41.70 -10.92
N MSE F 103 7.19 -42.69 -10.61
CA MSE F 103 6.75 -44.07 -10.53
C MSE F 103 5.46 -44.17 -9.76
O MSE F 103 4.44 -44.59 -10.28
CB MSE F 103 7.83 -44.88 -9.84
CG MSE F 103 9.05 -45.06 -10.73
SE MSE F 103 8.68 -46.07 -12.45
CE MSE F 103 9.26 -47.86 -11.93
N ASP F 104 5.52 -43.73 -8.52
CA ASP F 104 4.37 -43.70 -7.64
C ASP F 104 3.19 -43.12 -8.35
N HIS F 105 3.34 -41.88 -8.77
CA HIS F 105 2.35 -41.19 -9.59
C HIS F 105 1.76 -41.87 -10.78
N ARG F 106 2.52 -42.72 -11.44
CA ARG F 106 2.08 -43.25 -12.71
C ARG F 106 1.49 -44.63 -12.52
N ASN F 107 1.41 -44.99 -11.23
CA ASN F 107 1.06 -46.32 -10.72
C ASN F 107 1.88 -47.40 -11.32
N LEU F 108 3.18 -47.24 -11.38
CA LEU F 108 3.99 -48.29 -11.95
C LEU F 108 4.67 -49.00 -10.79
N ILE F 109 4.19 -48.71 -9.59
CA ILE F 109 4.64 -49.47 -8.45
C ILE F 109 3.46 -49.94 -7.61
N TYR F 110 3.75 -50.98 -6.84
CA TYR F 110 2.80 -51.60 -5.97
C TYR F 110 3.60 -52.05 -4.72
N PRO F 111 3.82 -51.11 -3.76
CA PRO F 111 4.58 -51.38 -2.57
C PRO F 111 3.61 -51.79 -1.48
N PHE F 112 2.90 -52.86 -1.72
CA PHE F 112 2.09 -53.50 -0.71
C PHE F 112 2.79 -54.82 -0.44
N ASP F 113 3.08 -55.07 0.84
CA ASP F 113 3.72 -56.31 1.23
C ASP F 113 2.73 -57.42 1.14
N ALA F 114 3.08 -58.55 1.75
CA ALA F 114 2.39 -59.79 1.52
C ALA F 114 1.05 -59.88 2.22
N GLN F 115 0.75 -58.94 3.13
CA GLN F 115 -0.57 -58.90 3.79
C GLN F 115 -1.47 -57.71 3.44
N GLY F 116 -1.11 -56.96 2.41
CA GLY F 116 -1.99 -55.92 1.89
C GLY F 116 -1.63 -54.54 2.42
N LEU F 117 -0.52 -54.47 3.14
CA LEU F 117 -0.13 -53.24 3.82
C LEU F 117 0.80 -52.31 3.02
N ARG F 118 0.38 -51.06 2.83
CA ARG F 118 1.19 -50.10 2.10
C ARG F 118 2.52 -49.81 2.80
N ARG F 119 3.61 -49.86 2.04
CA ARG F 119 4.97 -49.60 2.53
C ARG F 119 5.69 -48.60 1.64
N GLN F 120 6.77 -48.01 2.15
CA GLN F 120 7.62 -47.09 1.40
C GLN F 120 8.40 -47.73 0.23
N SER F 121 8.91 -46.89 -0.67
CA SER F 121 9.63 -47.34 -1.84
C SER F 121 10.98 -47.95 -1.49
N GLY F 122 11.58 -47.51 -0.41
CA GLY F 122 12.74 -48.21 0.08
C GLY F 122 12.52 -49.72 0.20
N ASP F 123 11.30 -50.13 0.53
CA ASP F 123 10.97 -51.54 0.75
C ASP F 123 10.86 -52.42 -0.54
N ILE F 124 10.62 -51.86 -1.74
CA ILE F 124 10.58 -52.68 -2.97
C ILE F 124 11.90 -53.45 -3.01
N PRO F 125 11.81 -54.79 -3.04
CA PRO F 125 13.02 -55.58 -3.19
C PRO F 125 13.83 -55.12 -4.41
N LYS F 126 15.10 -54.82 -4.21
CA LYS F 126 15.99 -54.50 -5.30
C LYS F 126 16.27 -55.71 -6.18
N ASN F 127 15.79 -56.87 -5.74
CA ASN F 127 16.03 -58.13 -6.47
C ASN F 127 14.82 -59.07 -6.54
N ILE F 128 14.56 -59.55 -7.75
CA ILE F 128 13.48 -60.50 -8.06
C ILE F 128 13.22 -61.60 -7.01
N HIS F 129 14.25 -62.27 -6.50
CA HIS F 129 14.02 -63.35 -5.50
C HIS F 129 14.01 -62.88 -4.04
N ASP F 130 13.48 -61.69 -3.83
CA ASP F 130 13.19 -61.24 -2.48
C ASP F 130 11.66 -61.13 -2.34
N LEU F 131 10.95 -61.08 -3.46
CA LEU F 131 9.51 -61.12 -3.44
C LEU F 131 8.93 -62.03 -2.38
N GLU F 132 7.97 -61.49 -1.65
CA GLU F 132 7.22 -62.27 -0.68
C GLU F 132 6.10 -63.01 -1.41
N ASP F 133 5.70 -64.16 -0.86
CA ASP F 133 4.50 -64.84 -1.29
C ASP F 133 3.27 -64.12 -0.78
N ASP F 134 2.41 -63.67 -1.67
CA ASP F 134 1.06 -63.31 -1.28
C ASP F 134 0.07 -64.36 -1.77
N PRO F 135 -0.38 -65.19 -0.83
CA PRO F 135 -1.32 -66.27 -1.12
C PRO F 135 -2.61 -65.75 -1.75
N PHE F 136 -3.11 -64.63 -1.27
CA PHE F 136 -4.36 -64.09 -1.80
C PHE F 136 -4.27 -63.58 -3.23
N ARG F 137 -3.12 -63.02 -3.60
CA ARG F 137 -2.80 -62.83 -5.03
C ARG F 137 -2.84 -64.18 -5.78
N SER F 138 -2.34 -65.24 -5.14
CA SER F 138 -2.46 -66.58 -5.74
C SER F 138 -3.95 -66.95 -5.83
N LEU F 139 -4.72 -66.57 -4.83
CA LEU F 139 -6.11 -66.89 -4.84
C LEU F 139 -6.91 -66.24 -5.98
N ALA F 140 -6.73 -64.92 -6.17
CA ALA F 140 -7.48 -64.17 -7.18
C ALA F 140 -7.22 -64.62 -8.61
N GLY F 141 -5.94 -64.75 -9.02
CA GLY F 141 -5.65 -65.29 -10.36
C GLY F 141 -6.53 -66.51 -10.60
N ALA F 142 -6.35 -67.51 -9.73
CA ALA F 142 -7.17 -68.70 -9.70
C ALA F 142 -8.65 -68.36 -9.76
N LEU F 143 -9.10 -67.35 -9.04
CA LEU F 143 -10.53 -67.08 -9.05
C LEU F 143 -11.05 -66.72 -10.45
N ARG F 144 -10.33 -65.89 -11.19
CA ARG F 144 -10.81 -65.46 -12.49
C ARG F 144 -10.52 -66.53 -13.53
N MSE F 145 -9.40 -67.21 -13.34
CA MSE F 145 -9.16 -68.54 -13.89
C MSE F 145 -10.44 -69.39 -13.98
O MSE F 145 -10.80 -69.91 -15.04
CB MSE F 145 -8.15 -69.29 -12.99
CG MSE F 145 -6.72 -68.96 -13.24
SE MSE F 145 -6.40 -69.33 -15.11
CE MSE F 145 -6.35 -67.44 -15.77
N ALA F 146 -11.13 -69.50 -12.85
CA ALA F 146 -12.39 -70.15 -12.75
C ALA F 146 -13.53 -69.43 -13.48
N GLY F 147 -13.32 -68.19 -13.90
CA GLY F 147 -14.40 -67.43 -14.54
C GLY F 147 -15.24 -66.72 -13.51
N GLY F 148 -14.56 -66.25 -12.46
CA GLY F 148 -15.14 -65.66 -11.24
C GLY F 148 -15.35 -64.17 -11.33
N TYR F 149 -14.62 -63.53 -12.25
CA TYR F 149 -14.94 -62.21 -12.72
C TYR F 149 -14.32 -62.03 -14.10
N ALA F 150 -14.57 -60.90 -14.77
CA ALA F 150 -14.15 -60.70 -16.17
C ALA F 150 -12.84 -59.97 -16.20
N LYS F 151 -11.94 -60.42 -17.09
CA LYS F 151 -10.69 -59.65 -17.40
C LYS F 151 -11.06 -58.18 -17.53
N VAL F 152 -10.26 -57.29 -16.97
CA VAL F 152 -10.57 -55.86 -17.09
C VAL F 152 -9.34 -54.92 -17.13
N ILE F 153 -9.29 -54.01 -18.11
CA ILE F 153 -8.09 -53.19 -18.33
C ILE F 153 -7.38 -52.51 -17.10
N ILE F 154 -8.13 -52.03 -16.12
CA ILE F 154 -7.57 -51.51 -14.85
C ILE F 154 -6.45 -52.37 -14.22
N PRO F 155 -5.28 -51.76 -13.92
CA PRO F 155 -4.14 -52.44 -13.28
C PRO F 155 -4.45 -52.97 -11.87
N PHE F 156 -3.72 -54.02 -11.46
CA PHE F 156 -3.86 -54.70 -10.14
C PHE F 156 -5.33 -54.86 -9.76
N SER F 157 -6.06 -55.36 -10.73
CA SER F 157 -7.44 -55.71 -10.57
C SER F 157 -7.41 -56.99 -9.72
N GLU F 158 -6.40 -57.85 -9.99
CA GLU F 158 -6.12 -59.08 -9.20
C GLU F 158 -5.82 -58.75 -7.76
N PHE F 159 -4.98 -57.75 -7.54
CA PHE F 159 -4.67 -57.32 -6.19
C PHE F 159 -5.83 -56.69 -5.46
N GLY F 160 -6.78 -56.13 -6.23
CA GLY F 160 -8.04 -55.59 -5.71
C GLY F 160 -8.86 -56.72 -5.12
N TRP F 161 -9.27 -57.69 -5.93
CA TRP F 161 -9.91 -58.94 -5.43
C TRP F 161 -9.07 -59.57 -4.33
N ALA F 162 -7.75 -59.51 -4.47
CA ALA F 162 -6.88 -60.10 -3.47
C ALA F 162 -6.98 -59.42 -2.12
N ASP F 163 -7.18 -58.10 -2.10
CA ASP F 163 -7.44 -57.41 -0.85
C ASP F 163 -8.85 -57.77 -0.34
N PHE F 164 -9.74 -58.08 -1.26
CA PHE F 164 -11.11 -58.23 -0.89
C PHE F 164 -11.18 -59.56 -0.17
N LEU F 165 -10.54 -60.56 -0.77
CA LEU F 165 -10.63 -61.93 -0.27
C LEU F 165 -9.85 -62.12 1.03
N ARG F 166 -8.79 -61.32 1.25
CA ARG F 166 -8.04 -61.42 2.51
C ARG F 166 -8.89 -60.94 3.66
N ARG F 167 -9.65 -59.86 3.47
CA ARG F 167 -10.42 -59.25 4.55
C ARG F 167 -11.62 -60.16 4.98
N ARG F 168 -11.86 -61.25 4.25
CA ARG F 168 -13.08 -62.07 4.38
C ARG F 168 -12.93 -63.62 4.52
N ILE F 169 -11.69 -64.09 4.56
CA ILE F 169 -11.37 -65.51 4.61
C ILE F 169 -10.16 -65.76 5.55
N ASP F 170 -10.13 -66.96 6.13
CA ASP F 170 -9.01 -67.35 6.95
C ASP F 170 -7.80 -67.61 6.04
N ARG F 171 -6.62 -67.20 6.46
CA ARG F 171 -5.39 -67.61 5.77
C ARG F 171 -5.10 -69.14 6.00
N ASP F 172 -5.47 -69.69 7.16
CA ASP F 172 -5.28 -71.14 7.39
C ASP F 172 -6.02 -71.96 6.34
N LEU F 173 -7.30 -71.59 6.12
CA LEU F 173 -8.19 -72.28 5.15
C LEU F 173 -7.53 -72.44 3.78
N LEU F 174 -6.75 -71.43 3.42
CA LEU F 174 -6.12 -71.36 2.13
C LEU F 174 -4.85 -72.17 2.08
N SER F 175 -3.94 -71.93 3.03
CA SER F 175 -2.63 -72.58 3.03
C SER F 175 -2.75 -74.06 2.93
N ASP F 176 -3.96 -74.61 3.24
CA ASP F 176 -4.10 -76.07 3.25
C ASP F 176 -5.11 -76.55 2.21
N SER F 177 -6.38 -76.68 2.65
CA SER F 177 -7.46 -76.91 1.70
C SER F 177 -7.63 -75.67 0.79
N PHE F 178 -6.84 -75.62 -0.29
CA PHE F 178 -6.79 -74.47 -1.20
C PHE F 178 -8.11 -74.24 -1.98
N ASP F 179 -8.85 -75.36 -2.18
CA ASP F 179 -10.08 -75.42 -3.03
C ASP F 179 -11.42 -75.04 -2.35
N ASP F 180 -11.29 -75.20 -0.86
CA ASP F 180 -12.50 -74.76 -0.14
C ASP F 180 -12.43 -73.23 -0.26
N ALA F 181 -11.24 -72.72 0.06
CA ALA F 181 -10.98 -71.31 -0.03
C ALA F 181 -11.47 -70.75 -1.39
N LEU F 182 -11.12 -71.62 -2.54
CA LEU F 182 -11.56 -71.24 -3.89
C LEU F 182 -13.09 -71.27 -4.07
N ALA F 183 -13.80 -72.10 -3.29
CA ALA F 183 -15.27 -72.20 -3.42
C ALA F 183 -15.95 -71.05 -2.61
N GLU F 184 -15.37 -70.93 -1.39
CA GLU F 184 -15.61 -69.76 -0.57
C GLU F 184 -15.43 -68.49 -1.41
N ALA F 185 -14.34 -68.39 -2.18
CA ALA F 185 -14.05 -67.20 -2.99
C ALA F 185 -15.00 -67.01 -4.16
N MSE F 186 -15.37 -68.16 -4.75
CA MSE F 186 -16.31 -68.24 -5.84
C MSE F 186 -17.65 -67.72 -5.37
O MSE F 186 -18.23 -66.74 -6.02
CB MSE F 186 -16.42 -69.70 -6.31
CG MSE F 186 -17.01 -69.96 -7.73
SE MSE F 186 -16.21 -68.85 -9.23
CE MSE F 186 -17.57 -67.40 -9.26
N LYS F 187 -18.16 -68.36 -4.23
CA LYS F 187 -19.36 -67.79 -3.60
C LYS F 187 -19.27 -66.25 -3.40
N LEU F 188 -18.13 -65.75 -2.94
CA LEU F 188 -18.03 -64.32 -2.63
C LEU F 188 -18.07 -63.53 -3.91
N ALA F 189 -17.39 -64.06 -4.94
CA ALA F 189 -17.31 -63.41 -6.26
C ALA F 189 -18.65 -63.12 -6.93
N LYS F 190 -19.66 -63.95 -6.66
CA LYS F 190 -20.98 -63.77 -7.26
C LYS F 190 -21.89 -62.93 -6.38
N SER F 191 -21.44 -62.59 -5.17
CA SER F 191 -22.32 -61.96 -4.20
C SER F 191 -22.36 -60.42 -4.20
N ARG F 192 -23.54 -59.86 -3.92
CA ARG F 192 -23.73 -58.49 -3.35
C ARG F 192 -22.47 -57.85 -2.77
N GLU F 193 -21.79 -58.60 -1.89
CA GLU F 193 -20.62 -58.14 -1.16
C GLU F 193 -19.50 -57.68 -2.10
N ALA F 194 -19.54 -58.21 -3.34
CA ALA F 194 -18.50 -57.97 -4.35
C ALA F 194 -18.84 -57.08 -5.57
N ARG F 195 -20.08 -56.56 -5.66
CA ARG F 195 -20.47 -55.68 -6.78
C ARG F 195 -19.53 -54.49 -7.10
N HIS F 196 -18.70 -54.02 -6.18
CA HIS F 196 -17.81 -52.88 -6.44
C HIS F 196 -16.47 -53.17 -7.12
N LEU F 197 -16.12 -54.44 -7.30
CA LEU F 197 -14.85 -54.77 -7.89
C LEU F 197 -14.97 -54.82 -9.42
N PRO F 198 -13.81 -54.74 -10.11
CA PRO F 198 -13.80 -54.74 -11.56
C PRO F 198 -14.14 -56.10 -12.05
N GLY F 199 -14.87 -56.16 -13.17
CA GLY F 199 -15.10 -57.41 -13.90
C GLY F 199 -16.16 -58.28 -13.26
N TRP F 200 -16.68 -57.82 -12.13
CA TRP F 200 -17.76 -58.47 -11.42
C TRP F 200 -18.98 -58.77 -12.27
N CYS F 201 -19.36 -60.05 -12.30
CA CYS F 201 -20.56 -60.47 -13.02
C CYS F 201 -21.60 -60.84 -11.97
N GLY F 202 -22.87 -60.54 -12.22
CA GLY F 202 -24.00 -60.87 -11.27
C GLY F 202 -25.37 -60.21 -11.47
N VAL F 203 -26.40 -60.67 -10.75
CA VAL F 203 -27.83 -60.45 -11.17
C VAL F 203 -28.47 -59.09 -10.83
N GLU F 204 -29.83 -59.10 -10.82
CA GLU F 204 -30.71 -57.95 -10.54
C GLU F 204 -32.11 -58.42 -10.11
#